data_1YXQ
#
_entry.id   1YXQ
#
_cell.length_a   68.0
_cell.length_b   76.8
_cell.length_c   98.4
_cell.angle_alpha   90.00
_cell.angle_beta   101.2
_cell.angle_gamma   90.00
#
_symmetry.space_group_name_H-M   'P 1 21 1'
#
loop_
_entity.id
_entity.type
_entity.pdbx_description
1 polymer 'actin, alpha skeletal muscle'
2 non-polymer 'MAGNESIUM ION'
3 non-polymer "ADENOSINE-5'-TRIPHOSPHATE"
4 non-polymer 1,2-ETHANEDIOL
5 non-polymer 'SWINHOLIDE A'
6 water water
#
_entity_poly.entity_id   1
_entity_poly.type   'polypeptide(L)'
_entity_poly.pdbx_seq_one_letter_code
;DEDETTALVCDNGSGLVKAGFAGDDAPRAVFPSIVGRPRHQGVMVGMGQKDSYVGDEAQSKRGILTLKYPIE(HIC)GII
TNWDDMEKIWHHTFYNELRVAPEEHPTLLTEAPLNPKANREKMTQIMFETFNVPAMYVAIQAVLSLYASGRTTGIVLDSG
DGVTHNVPIYEGYALPHAIMRLDLAGRDLTDYLMKILTERGYSFVTTAEREIVRDIKEKLCYVALDFENEMATAASSSSL
EKSYELPDGQVITIGNERFRCPETLFQPSFIGMESAGIHETTYNSIMKCDIDIRKDLYANNVMSGGTTMYPGIADRMQKE
ITALAPSTMKIKIIAPPERKYSVWIGGSILASLSTFQQMWITKQEYDEAGPSIVHRKCF
;
_entity_poly.pdbx_strand_id   A,B
#
# COMPACT_ATOMS: atom_id res chain seq x y z
N THR A 5 19.17 -19.72 6.17
CA THR A 5 19.66 -19.56 4.76
C THR A 5 18.75 -18.66 3.89
N THR A 6 19.36 -17.78 3.13
CA THR A 6 18.64 -16.72 2.45
C THR A 6 18.45 -17.09 0.98
N ALA A 7 17.21 -16.97 0.48
CA ALA A 7 16.92 -17.16 -0.94
C ALA A 7 17.12 -15.85 -1.71
N LEU A 8 17.48 -15.96 -2.98
CA LEU A 8 17.65 -14.81 -3.85
C LEU A 8 16.43 -14.66 -4.74
N VAL A 9 16.12 -13.41 -5.12
CA VAL A 9 15.05 -13.11 -6.04
C VAL A 9 15.62 -12.23 -7.13
N CYS A 10 15.48 -12.67 -8.37
CA CYS A 10 16.01 -11.96 -9.52
C CYS A 10 14.93 -11.82 -10.60
N ASP A 11 14.50 -10.60 -10.86
CA ASP A 11 13.51 -10.29 -11.88
C ASP A 11 14.26 -9.72 -13.09
N ASN A 12 14.36 -10.55 -14.11
CA ASN A 12 15.15 -10.29 -15.31
C ASN A 12 14.45 -9.38 -16.30
N GLY A 13 14.48 -8.07 -16.07
CA GLY A 13 13.77 -7.13 -16.94
C GLY A 13 14.55 -6.85 -18.20
N SER A 14 13.84 -6.52 -19.28
CA SER A 14 14.47 -6.06 -20.52
C SER A 14 15.36 -4.83 -20.31
N GLY A 15 14.86 -3.86 -19.55
CA GLY A 15 15.60 -2.65 -19.24
C GLY A 15 16.39 -2.71 -17.95
N LEU A 16 15.75 -3.17 -16.87
CA LEU A 16 16.38 -3.22 -15.56
C LEU A 16 16.26 -4.60 -14.89
N VAL A 17 17.36 -5.10 -14.40
CA VAL A 17 17.36 -6.23 -13.48
C VAL A 17 16.99 -5.69 -12.11
N LYS A 18 16.04 -6.34 -11.45
CA LYS A 18 15.77 -6.13 -10.02
C LYS A 18 16.22 -7.37 -9.27
N ALA A 19 17.16 -7.22 -8.34
CA ALA A 19 17.68 -8.36 -7.61
C ALA A 19 17.85 -8.11 -6.12
N GLY A 20 17.78 -9.18 -5.35
CA GLY A 20 17.84 -9.03 -3.92
C GLY A 20 17.57 -10.33 -3.18
N PHE A 21 17.25 -10.17 -1.90
CA PHE A 21 17.12 -11.25 -0.97
C PHE A 21 15.64 -11.37 -0.59
N ALA A 22 15.14 -12.60 -0.62
CA ALA A 22 13.79 -12.91 -0.16
C ALA A 22 13.64 -12.48 1.29
N GLY A 23 12.51 -11.81 1.59
CA GLY A 23 12.21 -11.24 2.89
C GLY A 23 12.48 -9.74 2.98
N ASP A 24 13.35 -9.21 2.13
CA ASP A 24 13.49 -7.76 2.00
C ASP A 24 12.29 -7.15 1.28
N ASP A 25 11.93 -5.93 1.65
CA ASP A 25 10.77 -5.30 1.03
C ASP A 25 11.10 -4.58 -0.26
N ALA A 26 12.37 -4.61 -0.67
CA ALA A 26 12.75 -3.98 -1.93
C ALA A 26 14.02 -4.62 -2.48
N PRO A 27 14.21 -4.59 -3.79
CA PRO A 27 15.41 -5.17 -4.38
C PRO A 27 16.62 -4.33 -3.99
N ARG A 28 17.67 -5.01 -3.52
CA ARG A 28 18.97 -4.39 -3.20
C ARG A 28 19.65 -3.79 -4.42
N ALA A 29 19.45 -4.42 -5.57
CA ALA A 29 20.15 -4.04 -6.80
C ALA A 29 19.17 -3.84 -7.92
N VAL A 30 19.27 -2.69 -8.56
CA VAL A 30 18.45 -2.37 -9.70
C VAL A 30 19.39 -1.76 -10.70
N PHE A 31 19.57 -2.41 -11.86
CA PHE A 31 20.56 -1.94 -12.81
C PHE A 31 20.25 -2.32 -14.26
N PRO A 32 20.80 -1.56 -15.20
CA PRO A 32 20.49 -1.76 -16.62
C PRO A 32 20.90 -3.16 -17.08
N SER A 33 20.01 -3.86 -17.78
CA SER A 33 20.31 -5.19 -18.30
C SER A 33 21.07 -5.03 -19.63
N ILE A 34 22.29 -4.59 -19.51
CA ILE A 34 23.15 -4.32 -20.66
C ILE A 34 24.46 -4.98 -20.38
N VAL A 35 25.07 -5.56 -21.41
CA VAL A 35 26.38 -6.18 -21.32
C VAL A 35 27.21 -5.49 -22.40
N GLY A 36 28.39 -5.02 -22.01
CA GLY A 36 29.27 -4.31 -22.93
C GLY A 36 30.53 -5.09 -23.04
N ARG A 37 31.06 -5.20 -24.25
CA ARG A 37 32.36 -5.84 -24.48
C ARG A 37 33.23 -4.93 -25.34
N PRO A 38 34.54 -5.05 -25.22
CA PRO A 38 35.43 -4.13 -25.94
C PRO A 38 35.18 -4.15 -27.44
N ARG A 39 35.18 -3.00 -28.11
CA ARG A 39 35.00 -2.95 -29.57
C ARG A 39 36.12 -3.65 -30.34
N ASP A 51 37.49 -8.06 -20.95
CA ASP A 51 36.48 -9.10 -21.09
C ASP A 51 35.08 -8.49 -21.29
N SER A 52 34.50 -7.92 -20.23
CA SER A 52 33.14 -7.38 -20.29
C SER A 52 32.71 -6.52 -19.08
N TYR A 53 31.70 -5.69 -19.31
CA TYR A 53 31.06 -4.87 -18.29
C TYR A 53 29.52 -5.08 -18.34
N VAL A 54 28.88 -4.89 -17.19
CA VAL A 54 27.43 -5.01 -17.06
C VAL A 54 26.90 -3.78 -16.34
N GLY A 55 25.73 -3.33 -16.75
CA GLY A 55 24.96 -2.33 -16.05
C GLY A 55 25.47 -0.91 -16.24
N ASP A 56 25.50 -0.13 -15.17
CA ASP A 56 25.90 1.28 -15.24
C ASP A 56 27.31 1.48 -15.73
N GLU A 57 28.22 0.63 -15.31
CA GLU A 57 29.59 0.74 -15.76
C GLU A 57 29.70 0.51 -17.28
N ALA A 58 28.92 -0.44 -17.82
CA ALA A 58 28.87 -0.68 -19.27
C ALA A 58 28.41 0.58 -20.00
N GLN A 59 27.31 1.16 -19.53
CA GLN A 59 26.79 2.41 -20.10
C GLN A 59 27.79 3.59 -20.01
N SER A 60 28.46 3.74 -18.87
CA SER A 60 29.45 4.81 -18.68
C SER A 60 30.63 4.68 -19.65
N LYS A 61 31.00 3.43 -19.95
CA LYS A 61 32.12 3.13 -20.83
C LYS A 61 31.66 2.80 -22.26
N ARG A 62 30.47 3.27 -22.64
CA ARG A 62 29.88 2.90 -23.92
C ARG A 62 30.73 3.29 -25.10
N GLY A 63 31.49 4.38 -24.97
CA GLY A 63 32.37 4.83 -26.03
C GLY A 63 33.51 3.91 -26.37
N ILE A 64 33.87 2.96 -25.49
CA ILE A 64 34.86 1.93 -25.84
C ILE A 64 34.30 0.51 -25.89
N LEU A 65 32.99 0.37 -25.85
CA LEU A 65 32.35 -0.95 -25.79
C LEU A 65 31.27 -1.10 -26.85
N THR A 66 30.94 -2.34 -27.17
CA THR A 66 29.73 -2.66 -27.94
C THR A 66 28.74 -3.15 -26.92
N LEU A 67 27.60 -2.47 -26.83
CA LEU A 67 26.58 -2.74 -25.85
C LEU A 67 25.49 -3.64 -26.44
N LYS A 68 25.07 -4.64 -25.68
CA LYS A 68 23.93 -5.47 -26.06
C LYS A 68 22.97 -5.65 -24.91
N TYR A 69 21.75 -5.94 -25.30
CA TYR A 69 20.61 -6.09 -24.44
C TYR A 69 20.12 -7.52 -24.67
N PRO A 70 20.48 -8.42 -23.79
CA PRO A 70 20.18 -9.86 -23.97
C PRO A 70 18.73 -10.23 -23.81
N ILE A 71 17.91 -9.31 -23.26
CA ILE A 71 16.51 -9.55 -23.03
C ILE A 71 15.72 -8.55 -23.86
N GLU A 72 14.87 -9.04 -24.75
CA GLU A 72 14.08 -8.22 -25.64
C GLU A 72 12.67 -8.68 -25.40
N GLY A 74 11.11 -9.17 -22.84
CA GLY A 74 11.07 -10.04 -21.69
C GLY A 74 11.61 -11.42 -21.96
N ILE A 75 12.04 -11.68 -23.20
CA ILE A 75 12.54 -13.02 -23.58
C ILE A 75 14.03 -12.94 -23.68
N ILE A 76 14.74 -13.89 -23.09
CA ILE A 76 16.18 -13.93 -23.21
C ILE A 76 16.55 -14.40 -24.61
N THR A 77 17.37 -13.64 -25.33
CA THR A 77 17.75 -13.98 -26.70
C THR A 77 19.25 -14.13 -26.92
N ASN A 78 20.06 -13.76 -25.92
CA ASN A 78 21.52 -14.00 -25.99
C ASN A 78 21.93 -14.63 -24.66
N TRP A 79 22.22 -15.93 -24.67
CA TRP A 79 22.47 -16.66 -23.44
C TRP A 79 23.87 -16.40 -22.90
N ASP A 80 24.86 -16.20 -23.78
CA ASP A 80 26.19 -15.84 -23.28
C ASP A 80 26.14 -14.52 -22.50
N ASP A 81 25.43 -13.53 -23.02
CA ASP A 81 25.34 -12.24 -22.37
C ASP A 81 24.48 -12.32 -21.11
N MET A 82 23.45 -13.12 -21.17
CA MET A 82 22.58 -13.30 -19.99
C MET A 82 23.40 -13.90 -18.85
N GLU A 83 24.28 -14.85 -19.18
CA GLU A 83 25.14 -15.45 -18.16
C GLU A 83 26.00 -14.38 -17.50
N LYS A 84 26.44 -13.38 -18.27
CA LYS A 84 27.25 -12.32 -17.69
C LYS A 84 26.41 -11.42 -16.80
N ILE A 85 25.16 -11.13 -17.18
CA ILE A 85 24.24 -10.41 -16.31
C ILE A 85 24.03 -11.14 -14.97
N TRP A 86 23.80 -12.44 -15.02
CA TRP A 86 23.58 -13.22 -13.80
C TRP A 86 24.86 -13.32 -12.96
N HIS A 87 26.01 -13.56 -13.59
CA HIS A 87 27.27 -13.56 -12.88
C HIS A 87 27.45 -12.23 -12.16
N HIS A 88 27.33 -11.14 -12.87
CA HIS A 88 27.43 -9.82 -12.27
C HIS A 88 26.43 -9.62 -11.12
N THR A 89 25.20 -10.09 -11.33
CA THR A 89 24.17 -9.99 -10.31
C THR A 89 24.59 -10.70 -8.99
N PHE A 90 25.08 -11.93 -9.08
CA PHE A 90 25.43 -12.70 -7.90
C PHE A 90 26.67 -12.12 -7.25
N TYR A 91 27.75 -12.00 -8.02
CA TYR A 91 29.07 -11.70 -7.46
C TYR A 91 29.34 -10.22 -7.17
N ASN A 92 28.86 -9.32 -8.03
CA ASN A 92 29.14 -7.90 -7.87
C ASN A 92 28.01 -7.08 -7.24
N GLU A 93 26.76 -7.41 -7.51
CA GLU A 93 25.65 -6.62 -6.96
C GLU A 93 25.23 -7.15 -5.58
N LEU A 94 24.98 -8.44 -5.48
CA LEU A 94 24.54 -9.06 -4.23
C LEU A 94 25.69 -9.58 -3.36
N ARG A 95 26.86 -9.77 -3.96
CA ARG A 95 28.05 -10.25 -3.24
C ARG A 95 27.80 -11.57 -2.52
N VAL A 96 27.20 -12.51 -3.22
CA VAL A 96 26.94 -13.85 -2.71
C VAL A 96 27.53 -14.89 -3.65
N ALA A 97 27.68 -16.10 -3.15
CA ALA A 97 28.03 -17.25 -3.97
C ALA A 97 26.76 -18.01 -4.28
N PRO A 98 26.40 -18.11 -5.55
CA PRO A 98 25.08 -18.63 -5.90
C PRO A 98 24.92 -20.11 -5.48
N GLU A 99 26.01 -20.87 -5.37
CA GLU A 99 25.94 -22.25 -4.87
C GLU A 99 25.40 -22.40 -3.44
N GLU A 100 25.28 -21.27 -2.74
CA GLU A 100 24.83 -21.25 -1.37
C GLU A 100 23.37 -20.82 -1.19
N HIS A 101 22.66 -20.45 -2.27
CA HIS A 101 21.36 -19.84 -2.12
C HIS A 101 20.31 -20.35 -3.13
N PRO A 102 19.16 -20.78 -2.64
CA PRO A 102 18.00 -21.04 -3.49
C PRO A 102 17.72 -19.75 -4.24
N THR A 103 17.45 -19.84 -5.54
CA THR A 103 17.30 -18.68 -6.38
C THR A 103 16.00 -18.71 -7.18
N LEU A 104 15.13 -17.72 -6.94
CA LEU A 104 13.86 -17.58 -7.69
C LEU A 104 14.09 -16.58 -8.83
N LEU A 105 13.78 -17.01 -10.05
CA LEU A 105 13.93 -16.19 -11.24
C LEU A 105 12.55 -15.88 -11.78
N THR A 106 12.43 -14.79 -12.53
CA THR A 106 11.20 -14.50 -13.21
C THR A 106 11.33 -14.74 -14.69
N GLU A 107 10.16 -14.88 -15.33
CA GLU A 107 10.09 -14.94 -16.78
C GLU A 107 8.85 -14.17 -17.28
N ALA A 108 8.88 -13.81 -18.55
CA ALA A 108 7.76 -13.20 -19.23
C ALA A 108 6.65 -14.22 -19.46
N PRO A 109 5.42 -13.72 -19.63
CA PRO A 109 4.33 -14.54 -20.14
C PRO A 109 4.71 -15.09 -21.50
N LEU A 110 4.21 -16.27 -21.88
CA LEU A 110 4.49 -16.87 -23.17
C LEU A 110 5.99 -17.13 -23.44
N ASN A 111 6.76 -17.34 -22.38
CA ASN A 111 8.16 -17.68 -22.54
C ASN A 111 8.24 -19.07 -23.11
N PRO A 112 8.94 -19.28 -24.20
CA PRO A 112 9.07 -20.64 -24.75
C PRO A 112 9.60 -21.65 -23.71
N LYS A 113 9.09 -22.87 -23.78
CA LYS A 113 9.50 -23.95 -22.91
C LYS A 113 10.98 -24.21 -22.95
N ALA A 114 11.59 -24.15 -24.15
CA ALA A 114 13.01 -24.41 -24.28
C ALA A 114 13.83 -23.33 -23.57
N ASN A 115 13.30 -22.12 -23.50
CA ASN A 115 13.95 -21.02 -22.79
C ASN A 115 14.00 -21.26 -21.29
N ARG A 116 12.86 -21.67 -20.73
CA ARG A 116 12.77 -22.00 -19.31
C ARG A 116 13.72 -23.15 -18.96
N GLU A 117 13.83 -24.14 -19.85
CA GLU A 117 14.78 -25.25 -19.67
C GLU A 117 16.22 -24.79 -19.73
N LYS A 118 16.56 -23.91 -20.67
CA LYS A 118 17.92 -23.39 -20.76
C LYS A 118 18.30 -22.56 -19.49
N MET A 119 17.39 -21.72 -19.00
CA MET A 119 17.61 -20.95 -17.81
C MET A 119 17.95 -21.91 -16.63
N THR A 120 17.22 -23.02 -16.59
CA THR A 120 17.32 -23.99 -15.51
C THR A 120 18.67 -24.68 -15.58
N GLN A 121 19.05 -25.12 -16.76
CA GLN A 121 20.33 -25.78 -16.99
C GLN A 121 21.46 -24.86 -16.60
N ILE A 122 21.40 -23.60 -17.01
CA ILE A 122 22.43 -22.64 -16.65
C ILE A 122 22.51 -22.45 -15.13
N MET A 123 21.38 -22.29 -14.48
CA MET A 123 21.39 -22.06 -13.04
C MET A 123 22.05 -23.25 -12.31
N PHE A 124 21.68 -24.47 -12.64
CA PHE A 124 22.20 -25.65 -11.95
C PHE A 124 23.58 -26.10 -12.38
N GLU A 125 23.90 -25.98 -13.67
CA GLU A 125 25.15 -26.51 -14.18
C GLU A 125 26.24 -25.46 -14.27
N THR A 126 25.90 -24.21 -14.56
CA THR A 126 26.89 -23.15 -14.57
C THR A 126 27.03 -22.50 -13.21
N PHE A 127 25.92 -22.15 -12.56
CA PHE A 127 26.00 -21.47 -11.28
C PHE A 127 25.93 -22.40 -10.06
N ASN A 128 25.58 -23.67 -10.26
CA ASN A 128 25.50 -24.70 -9.19
C ASN A 128 24.60 -24.26 -8.02
N VAL A 129 23.47 -23.62 -8.32
CA VAL A 129 22.54 -23.22 -7.25
C VAL A 129 21.98 -24.49 -6.60
N PRO A 130 21.67 -24.45 -5.30
CA PRO A 130 21.14 -25.65 -4.62
C PRO A 130 19.69 -25.92 -4.93
N ALA A 131 18.99 -24.88 -5.31
CA ALA A 131 17.60 -24.99 -5.69
C ALA A 131 17.21 -23.77 -6.50
N MET A 132 16.13 -23.91 -7.26
CA MET A 132 15.58 -22.76 -7.95
C MET A 132 14.12 -22.90 -8.28
N TYR A 133 13.56 -21.82 -8.77
CA TYR A 133 12.16 -21.79 -9.20
C TYR A 133 11.99 -20.68 -10.21
N VAL A 134 11.08 -20.84 -11.17
CA VAL A 134 10.85 -19.77 -12.14
C VAL A 134 9.38 -19.41 -12.11
N ALA A 135 9.08 -18.12 -11.99
CA ALA A 135 7.69 -17.67 -11.95
C ALA A 135 7.44 -16.62 -13.00
N ILE A 136 6.19 -16.53 -13.44
CA ILE A 136 5.78 -15.55 -14.42
C ILE A 136 5.69 -14.21 -13.72
N GLN A 137 6.28 -13.20 -14.34
CA GLN A 137 6.33 -11.86 -13.74
C GLN A 137 4.97 -11.36 -13.27
N ALA A 138 3.98 -11.38 -14.13
CA ALA A 138 2.67 -10.82 -13.80
C ALA A 138 2.04 -11.59 -12.67
N VAL A 139 2.28 -12.89 -12.58
CA VAL A 139 1.74 -13.70 -11.46
C VAL A 139 2.30 -13.25 -10.13
N LEU A 140 3.61 -12.97 -10.10
CA LEU A 140 4.22 -12.43 -8.88
C LEU A 140 3.62 -11.08 -8.43
N SER A 141 3.35 -10.20 -9.40
CA SER A 141 2.70 -8.92 -9.10
C SER A 141 1.33 -9.14 -8.48
N LEU A 142 0.57 -10.09 -9.01
CA LEU A 142 -0.74 -10.38 -8.40
C LEU A 142 -0.54 -10.79 -6.93
N TYR A 143 0.41 -11.68 -6.67
CA TYR A 143 0.70 -12.16 -5.32
C TYR A 143 1.09 -11.01 -4.39
N ALA A 144 1.88 -10.08 -4.92
CA ALA A 144 2.35 -8.95 -4.16
C ALA A 144 1.18 -8.07 -3.73
N SER A 145 0.08 -8.07 -4.51
CA SER A 145 -1.14 -7.36 -4.09
C SER A 145 -2.02 -8.15 -3.14
N GLY A 146 -1.56 -9.30 -2.70
CA GLY A 146 -2.30 -10.15 -1.77
C GLY A 146 -3.42 -10.99 -2.38
N ARG A 147 -3.30 -11.32 -3.67
CA ARG A 147 -4.32 -12.04 -4.41
C ARG A 147 -3.75 -13.24 -5.15
N THR A 148 -4.56 -14.28 -5.31
CA THR A 148 -4.26 -15.41 -6.19
C THR A 148 -5.21 -15.53 -7.36
N THR A 149 -6.31 -14.77 -7.34
CA THR A 149 -7.18 -14.61 -8.50
C THR A 149 -7.32 -13.13 -8.86
N GLY A 150 -7.20 -12.83 -10.15
CA GLY A 150 -7.20 -11.47 -10.67
C GLY A 150 -6.60 -11.41 -12.08
N ILE A 151 -6.63 -10.22 -12.67
CA ILE A 151 -6.01 -9.97 -13.98
C ILE A 151 -5.03 -8.83 -13.83
N VAL A 152 -3.79 -9.13 -14.25
CA VAL A 152 -2.70 -8.18 -14.19
C VAL A 152 -2.50 -7.57 -15.59
N LEU A 153 -2.32 -6.26 -15.63
CA LEU A 153 -1.68 -5.53 -16.72
C LEU A 153 -0.26 -5.18 -16.31
N ASP A 154 0.71 -5.80 -16.97
CA ASP A 154 2.12 -5.57 -16.67
C ASP A 154 2.73 -4.85 -17.86
N SER A 155 3.07 -3.59 -17.69
CA SER A 155 3.62 -2.78 -18.79
C SER A 155 5.01 -2.32 -18.40
N GLY A 156 6.02 -2.73 -19.18
CA GLY A 156 7.40 -2.55 -18.80
C GLY A 156 8.12 -1.71 -19.85
N ASP A 157 9.14 -2.29 -20.46
CA ASP A 157 10.07 -1.59 -21.33
C ASP A 157 9.68 -1.61 -22.78
N GLY A 158 9.59 -2.81 -23.36
CA GLY A 158 9.27 -2.96 -24.78
C GLY A 158 7.98 -3.74 -25.09
N VAL A 159 7.37 -4.31 -24.04
CA VAL A 159 6.13 -5.09 -24.21
C VAL A 159 5.19 -4.91 -23.00
N THR A 160 3.93 -5.10 -23.25
CA THR A 160 2.88 -5.02 -22.24
C THR A 160 2.08 -6.33 -22.34
N HIS A 161 1.70 -6.92 -21.22
CA HIS A 161 0.83 -8.11 -21.24
C HIS A 161 -0.37 -7.91 -20.32
N ASN A 162 -1.47 -8.53 -20.68
CA ASN A 162 -2.53 -8.87 -19.73
C ASN A 162 -2.43 -10.36 -19.39
N VAL A 163 -2.43 -10.69 -18.10
CA VAL A 163 -2.37 -12.06 -17.67
C VAL A 163 -3.45 -12.30 -16.62
N PRO A 164 -4.52 -12.96 -17.00
CA PRO A 164 -5.54 -13.39 -16.05
C PRO A 164 -5.09 -14.66 -15.34
N ILE A 165 -5.41 -14.72 -14.06
CA ILE A 165 -4.83 -15.65 -13.12
C ILE A 165 -5.95 -16.16 -12.22
N TYR A 166 -6.01 -17.48 -12.04
CA TYR A 166 -7.05 -18.15 -11.28
C TYR A 166 -6.42 -19.17 -10.33
N GLU A 167 -6.74 -19.02 -9.05
CA GLU A 167 -6.21 -19.87 -7.98
C GLU A 167 -4.71 -20.06 -8.07
N GLY A 168 -3.99 -19.00 -8.41
CA GLY A 168 -2.56 -18.99 -8.34
C GLY A 168 -1.84 -19.15 -9.66
N TYR A 169 -2.56 -19.55 -10.71
CA TYR A 169 -1.98 -19.89 -12.01
C TYR A 169 -2.50 -18.99 -13.16
N ALA A 170 -1.56 -18.49 -13.96
CA ALA A 170 -1.89 -17.78 -15.19
C ALA A 170 -2.75 -18.71 -16.04
N LEU A 171 -3.66 -18.15 -16.81
CA LEU A 171 -4.47 -18.85 -17.80
C LEU A 171 -3.90 -18.53 -19.20
N PRO A 172 -2.97 -19.35 -19.71
CA PRO A 172 -2.25 -18.96 -20.92
C PRO A 172 -3.10 -18.64 -22.10
N HIS A 173 -4.22 -19.32 -22.29
CA HIS A 173 -5.02 -19.10 -23.48
C HIS A 173 -5.63 -17.70 -23.56
N ALA A 174 -5.71 -17.03 -22.41
CA ALA A 174 -6.30 -15.69 -22.30
C ALA A 174 -5.30 -14.53 -22.15
N ILE A 175 -4.01 -14.85 -22.24
CA ILE A 175 -2.96 -13.83 -22.14
C ILE A 175 -3.04 -13.01 -23.40
N MET A 176 -2.90 -11.69 -23.28
CA MET A 176 -2.81 -10.79 -24.44
C MET A 176 -1.47 -10.11 -24.41
N ARG A 177 -0.88 -9.91 -25.58
CA ARG A 177 0.42 -9.25 -25.69
C ARG A 177 0.31 -8.02 -26.61
N LEU A 178 0.81 -6.89 -26.14
CA LEU A 178 0.78 -5.64 -26.87
C LEU A 178 2.22 -5.18 -26.97
N ASP A 179 2.64 -5.02 -28.20
CA ASP A 179 4.03 -4.73 -28.53
C ASP A 179 4.32 -3.19 -28.49
N LEU A 180 4.08 -2.61 -27.32
CA LEU A 180 4.18 -1.18 -27.02
C LEU A 180 4.34 -1.12 -25.52
N ALA A 181 5.36 -0.42 -25.04
CA ALA A 181 5.50 -0.13 -23.62
C ALA A 181 6.36 1.16 -23.42
N GLY A 182 7.09 1.27 -22.32
CA GLY A 182 7.71 2.52 -21.92
C GLY A 182 8.67 3.12 -22.95
N ARG A 183 9.48 2.27 -23.63
CA ARG A 183 10.42 2.74 -24.62
C ARG A 183 9.74 3.45 -25.77
N ASP A 184 8.59 2.90 -26.22
CA ASP A 184 7.78 3.55 -27.24
C ASP A 184 7.27 4.92 -26.81
N LEU A 185 6.88 5.03 -25.54
CA LEU A 185 6.39 6.30 -25.04
C LEU A 185 7.53 7.30 -24.94
N THR A 186 8.72 6.85 -24.54
CA THR A 186 9.90 7.72 -24.53
C THR A 186 10.20 8.21 -25.95
N ASP A 187 10.18 7.29 -26.92
CA ASP A 187 10.48 7.65 -28.32
C ASP A 187 9.47 8.68 -28.84
N TYR A 188 8.23 8.47 -28.51
CA TYR A 188 7.15 9.35 -28.91
C TYR A 188 7.36 10.76 -28.34
N LEU A 189 7.64 10.84 -27.06
CA LEU A 189 7.96 12.15 -26.44
C LEU A 189 9.20 12.81 -27.02
N MET A 190 10.23 12.01 -27.35
CA MET A 190 11.41 12.52 -28.01
C MET A 190 11.08 13.13 -29.35
N LYS A 191 10.25 12.43 -30.09
CA LYS A 191 9.83 12.92 -31.38
C LYS A 191 9.08 14.27 -31.21
N ILE A 192 8.13 14.35 -30.28
CA ILE A 192 7.36 15.59 -30.20
C ILE A 192 8.18 16.77 -29.65
N LEU A 193 9.09 16.50 -28.73
CA LEU A 193 9.92 17.57 -28.22
C LEU A 193 10.95 18.02 -29.28
N THR A 194 11.37 17.09 -30.13
CA THR A 194 12.27 17.41 -31.23
C THR A 194 11.56 18.39 -32.16
N GLU A 195 10.30 18.11 -32.46
CA GLU A 195 9.53 18.95 -33.36
C GLU A 195 9.22 20.32 -32.74
N ARG A 196 9.12 20.37 -31.43
CA ARG A 196 9.07 21.64 -30.70
C ARG A 196 10.34 22.52 -30.82
N GLY A 197 11.42 21.96 -31.36
CA GLY A 197 12.65 22.71 -31.63
C GLY A 197 13.82 22.39 -30.69
N TYR A 198 13.80 21.23 -30.03
CA TYR A 198 14.92 20.82 -29.17
C TYR A 198 15.57 19.61 -29.82
N SER A 199 16.84 19.31 -29.62
CA SER A 199 17.27 18.01 -30.14
C SER A 199 17.61 16.98 -29.07
N PHE A 200 16.84 15.91 -29.14
CA PHE A 200 16.94 14.71 -28.33
C PHE A 200 16.95 13.50 -29.27
N VAL A 201 18.14 12.98 -29.53
CA VAL A 201 18.34 11.90 -30.51
C VAL A 201 19.29 10.86 -29.90
N THR A 202 20.46 11.37 -29.46
CA THR A 202 21.51 10.57 -28.82
C THR A 202 21.07 9.85 -27.54
N THR A 203 21.98 9.06 -26.99
CA THR A 203 21.69 8.26 -25.81
C THR A 203 21.56 9.13 -24.54
N ALA A 204 22.47 10.07 -24.31
CA ALA A 204 22.37 10.93 -23.11
C ALA A 204 21.05 11.76 -23.14
N GLU A 205 20.64 12.16 -24.33
CA GLU A 205 19.51 13.05 -24.48
C GLU A 205 18.25 12.23 -24.40
N ARG A 206 18.31 10.96 -24.83
CA ARG A 206 17.21 10.04 -24.60
C ARG A 206 16.88 9.87 -23.12
N GLU A 207 17.92 9.84 -22.30
CA GLU A 207 17.73 9.70 -20.83
C GLU A 207 17.04 10.90 -20.24
N ILE A 208 17.32 12.09 -20.76
CA ILE A 208 16.64 13.30 -20.33
C ILE A 208 15.14 13.21 -20.65
N VAL A 209 14.82 12.79 -21.87
CA VAL A 209 13.43 12.68 -22.27
C VAL A 209 12.70 11.64 -21.43
N ARG A 210 13.35 10.52 -21.17
CA ARG A 210 12.78 9.51 -20.31
C ARG A 210 12.46 10.13 -18.96
N ASP A 211 13.36 10.95 -18.45
CA ASP A 211 13.17 11.59 -17.17
C ASP A 211 11.99 12.58 -17.18
N ILE A 212 11.89 13.39 -18.23
CA ILE A 212 10.72 14.26 -18.42
C ILE A 212 9.46 13.42 -18.43
N LYS A 213 9.46 12.32 -19.16
CA LYS A 213 8.27 11.49 -19.28
C LYS A 213 7.84 11.01 -17.88
N GLU A 214 8.81 10.47 -17.15
CA GLU A 214 8.56 9.89 -15.83
C GLU A 214 8.13 10.95 -14.79
N LYS A 215 8.62 12.18 -14.89
CA LYS A 215 8.31 13.18 -13.87
C LYS A 215 7.07 13.99 -14.17
N LEU A 216 6.76 14.22 -15.45
CA LEU A 216 5.75 15.19 -15.79
C LEU A 216 4.50 14.61 -16.49
N CYS A 217 4.58 13.39 -17.01
CA CYS A 217 3.47 12.85 -17.78
C CYS A 217 2.33 12.32 -16.92
N TYR A 218 1.11 12.33 -17.45
CA TYR A 218 -0.03 11.70 -16.80
C TYR A 218 -1.09 11.28 -17.79
N VAL A 219 -1.99 10.40 -17.36
CA VAL A 219 -3.13 9.97 -18.17
C VAL A 219 -4.35 10.77 -17.83
N ALA A 220 -4.91 11.41 -18.83
CA ALA A 220 -6.11 12.18 -18.71
C ALA A 220 -7.33 11.29 -18.56
N LEU A 221 -8.26 11.73 -17.73
CA LEU A 221 -9.46 10.96 -17.48
C LEU A 221 -10.35 10.99 -18.73
N ASP A 222 -10.35 12.15 -19.40
CA ASP A 222 -11.09 12.36 -20.64
C ASP A 222 -10.17 13.15 -21.59
N PHE A 223 -9.64 12.45 -22.59
CA PHE A 223 -8.58 12.97 -23.42
C PHE A 223 -9.06 14.20 -24.19
N GLU A 224 -10.26 14.10 -24.76
CA GLU A 224 -10.86 15.24 -25.44
C GLU A 224 -10.97 16.48 -24.60
N ASN A 225 -11.57 16.32 -23.43
CA ASN A 225 -11.72 17.44 -22.50
C ASN A 225 -10.36 18.05 -22.11
N GLU A 226 -9.39 17.18 -21.88
CA GLU A 226 -8.07 17.63 -21.43
C GLU A 226 -7.36 18.41 -22.57
N MET A 227 -7.53 17.97 -23.80
CA MET A 227 -7.00 18.72 -24.94
C MET A 227 -7.63 20.11 -24.99
N ALA A 228 -8.95 20.21 -24.76
CA ALA A 228 -9.62 21.48 -24.73
C ALA A 228 -9.11 22.40 -23.62
N THR A 229 -8.92 21.84 -22.43
CA THR A 229 -8.34 22.60 -21.33
C THR A 229 -6.93 23.11 -21.66
N ALA A 230 -6.10 22.26 -22.26
CA ALA A 230 -4.74 22.67 -22.64
C ALA A 230 -4.72 23.75 -23.71
N ALA A 231 -5.73 23.77 -24.58
CA ALA A 231 -5.85 24.78 -25.66
C ALA A 231 -6.32 26.15 -25.15
N SER A 232 -6.98 26.18 -23.99
CA SER A 232 -7.61 27.43 -23.52
C SER A 232 -7.04 28.03 -22.25
N SER A 233 -6.00 27.42 -21.68
CA SER A 233 -5.31 28.05 -20.54
C SER A 233 -3.97 27.38 -20.34
N SER A 234 -3.17 27.97 -19.48
CA SER A 234 -1.85 27.44 -19.13
C SER A 234 -1.89 26.58 -17.88
N SER A 235 -3.10 26.25 -17.42
CA SER A 235 -3.27 25.53 -16.14
C SER A 235 -2.56 24.15 -16.08
N LEU A 236 -2.36 23.50 -17.22
CA LEU A 236 -1.72 22.20 -17.20
C LEU A 236 -0.23 22.23 -17.53
N GLU A 237 0.35 23.42 -17.66
CA GLU A 237 1.76 23.51 -17.98
C GLU A 237 2.68 23.15 -16.81
N LYS A 238 3.77 22.46 -17.14
CA LYS A 238 4.87 22.25 -16.23
C LYS A 238 6.18 22.53 -16.95
N SER A 239 7.19 22.94 -16.19
CA SER A 239 8.48 23.28 -16.77
C SER A 239 9.59 22.32 -16.25
N TYR A 240 10.66 22.20 -17.02
CA TYR A 240 11.74 21.27 -16.71
C TYR A 240 13.04 21.88 -17.22
N GLU A 241 14.06 21.94 -16.35
CA GLU A 241 15.33 22.49 -16.75
C GLU A 241 16.17 21.36 -17.33
N LEU A 242 16.57 21.52 -18.57
CA LEU A 242 17.44 20.63 -19.30
C LEU A 242 18.91 20.80 -18.84
N PRO A 243 19.76 19.80 -19.07
CA PRO A 243 21.19 19.89 -18.69
C PRO A 243 21.93 21.08 -19.29
N ASP A 244 21.50 21.61 -20.44
CA ASP A 244 22.14 22.76 -21.06
C ASP A 244 21.59 24.08 -20.51
N GLY A 245 20.79 24.03 -19.45
CA GLY A 245 20.26 25.22 -18.83
C GLY A 245 18.95 25.78 -19.42
N GLN A 246 18.56 25.35 -20.61
CA GLN A 246 17.27 25.75 -21.19
C GLN A 246 16.12 25.17 -20.37
N VAL A 247 15.03 25.92 -20.23
CA VAL A 247 13.86 25.47 -19.50
C VAL A 247 12.80 25.21 -20.55
N ILE A 248 12.33 23.99 -20.61
CA ILE A 248 11.26 23.58 -21.51
C ILE A 248 9.95 23.50 -20.75
N THR A 249 8.89 23.98 -21.38
CA THR A 249 7.53 23.89 -20.83
C THR A 249 6.69 23.01 -21.72
N ILE A 250 5.98 22.07 -21.11
CA ILE A 250 5.04 21.21 -21.77
C ILE A 250 3.67 21.32 -21.13
N GLY A 251 2.66 21.14 -21.98
CA GLY A 251 1.28 21.14 -21.60
C GLY A 251 0.59 19.87 -22.03
N ASN A 252 -0.04 19.90 -23.20
CA ASN A 252 -0.66 18.68 -23.66
C ASN A 252 0.29 17.53 -23.94
N GLU A 253 1.59 17.79 -24.05
CA GLU A 253 2.54 16.69 -24.24
C GLU A 253 2.48 15.74 -23.06
N ARG A 254 2.20 16.30 -21.91
CA ARG A 254 2.16 15.54 -20.66
C ARG A 254 1.25 14.37 -20.72
N PHE A 255 0.07 14.56 -21.31
CA PHE A 255 -0.89 13.47 -21.39
C PHE A 255 -1.05 12.87 -22.79
N ARG A 256 -0.65 13.58 -23.84
CA ARG A 256 -0.62 12.96 -25.17
C ARG A 256 0.31 11.74 -25.20
N CYS A 257 1.46 11.85 -24.53
CA CYS A 257 2.45 10.77 -24.57
C CYS A 257 1.88 9.40 -24.06
N PRO A 258 1.42 9.32 -22.81
CA PRO A 258 0.82 8.07 -22.37
C PRO A 258 -0.58 7.76 -22.90
N GLU A 259 -1.27 8.71 -23.53
CA GLU A 259 -2.52 8.40 -24.20
C GLU A 259 -2.28 7.27 -25.24
N THR A 260 -1.06 7.19 -25.75
CA THR A 260 -0.67 6.14 -26.68
C THR A 260 -1.03 4.72 -26.21
N LEU A 261 -0.90 4.48 -24.91
CA LEU A 261 -1.29 3.21 -24.33
C LEU A 261 -2.74 2.82 -24.65
N PHE A 262 -3.63 3.82 -24.63
CA PHE A 262 -5.02 3.67 -24.97
C PHE A 262 -5.30 3.82 -26.46
N GLN A 263 -4.50 4.64 -27.15
CA GLN A 263 -4.64 4.83 -28.60
C GLN A 263 -3.31 4.57 -29.32
N PRO A 264 -2.95 3.32 -29.54
CA PRO A 264 -1.69 3.00 -30.22
C PRO A 264 -1.50 3.62 -31.62
N SER A 265 -2.58 4.12 -32.20
CA SER A 265 -2.51 4.84 -33.47
C SER A 265 -1.64 6.09 -33.38
N PHE A 266 -1.43 6.59 -32.16
CA PHE A 266 -0.58 7.73 -31.96
C PHE A 266 0.85 7.46 -32.45
N ILE A 267 1.32 6.21 -32.42
CA ILE A 267 2.65 5.87 -32.97
C ILE A 267 2.57 4.94 -34.19
N GLY A 268 1.43 4.97 -34.86
CA GLY A 268 1.25 4.31 -36.15
C GLY A 268 0.89 2.85 -36.00
N MET A 269 0.49 2.43 -34.80
CA MET A 269 0.12 1.05 -34.57
C MET A 269 -1.41 0.86 -34.67
N GLU A 270 -1.80 -0.24 -35.32
CA GLU A 270 -3.21 -0.62 -35.46
C GLU A 270 -3.76 -1.42 -34.27
N SER A 271 -2.93 -1.72 -33.29
CA SER A 271 -3.34 -2.48 -32.12
C SER A 271 -4.50 -1.93 -31.29
N ALA A 272 -5.12 -2.84 -30.55
CA ALA A 272 -5.97 -2.50 -29.43
C ALA A 272 -5.16 -1.76 -28.36
N GLY A 273 -5.79 -0.78 -27.73
CA GLY A 273 -5.27 -0.20 -26.52
C GLY A 273 -5.36 -1.07 -25.27
N ILE A 274 -4.72 -0.60 -24.20
CA ILE A 274 -4.63 -1.40 -22.97
C ILE A 274 -5.95 -1.64 -22.29
N HIS A 275 -6.90 -0.72 -22.46
CA HIS A 275 -8.26 -1.00 -21.97
C HIS A 275 -8.95 -2.13 -22.76
N GLU A 276 -8.71 -2.21 -24.07
CA GLU A 276 -9.32 -3.21 -24.90
C GLU A 276 -8.67 -4.58 -24.70
N THR A 277 -7.34 -4.63 -24.53
CA THR A 277 -6.66 -5.88 -24.25
C THR A 277 -7.07 -6.42 -22.89
N THR A 278 -7.24 -5.55 -21.90
CA THR A 278 -7.74 -5.95 -20.60
C THR A 278 -9.13 -6.58 -20.69
N TYR A 279 -10.08 -5.90 -21.33
CA TYR A 279 -11.42 -6.39 -21.53
C TYR A 279 -11.41 -7.71 -22.35
N ASN A 280 -10.65 -7.73 -23.43
CA ASN A 280 -10.59 -8.92 -24.28
C ASN A 280 -10.05 -10.13 -23.51
N SER A 281 -9.05 -9.90 -22.65
CA SER A 281 -8.45 -10.95 -21.87
C SER A 281 -9.47 -11.51 -20.89
N ILE A 282 -10.19 -10.63 -20.21
CA ILE A 282 -11.24 -11.07 -19.29
C ILE A 282 -12.29 -11.89 -20.06
N MET A 283 -12.68 -11.41 -21.25
CA MET A 283 -13.75 -12.05 -22.03
C MET A 283 -13.31 -13.41 -22.57
N LYS A 284 -12.00 -13.64 -22.69
CA LYS A 284 -11.48 -14.97 -23.06
C LYS A 284 -11.59 -15.99 -21.94
N CYS A 285 -11.71 -15.52 -20.70
CA CYS A 285 -11.80 -16.39 -19.55
C CYS A 285 -13.22 -16.91 -19.35
N ASP A 286 -13.29 -18.03 -18.65
CA ASP A 286 -14.53 -18.66 -18.22
C ASP A 286 -15.49 -17.60 -17.67
N ILE A 287 -16.68 -17.51 -18.24
CA ILE A 287 -17.72 -16.59 -17.76
C ILE A 287 -17.93 -16.63 -16.22
N ASP A 288 -17.78 -17.79 -15.62
CA ASP A 288 -17.94 -17.97 -14.17
C ASP A 288 -16.81 -17.37 -13.30
N ILE A 289 -15.67 -16.98 -13.88
CA ILE A 289 -14.69 -16.22 -13.12
C ILE A 289 -14.57 -14.75 -13.51
N ARG A 290 -15.32 -14.29 -14.50
CA ARG A 290 -15.11 -12.89 -14.94
C ARG A 290 -15.42 -11.83 -13.87
N LYS A 291 -16.42 -12.06 -13.02
CA LYS A 291 -16.76 -11.11 -11.95
C LYS A 291 -15.56 -10.88 -11.08
N ASP A 292 -14.83 -11.96 -10.77
CA ASP A 292 -13.62 -11.85 -9.95
C ASP A 292 -12.49 -11.15 -10.66
N LEU A 293 -12.39 -11.34 -11.97
CA LEU A 293 -11.37 -10.65 -12.75
C LEU A 293 -11.65 -9.16 -12.81
N TYR A 294 -12.90 -8.79 -13.11
CA TYR A 294 -13.28 -7.36 -13.18
C TYR A 294 -13.06 -6.60 -11.89
N ALA A 295 -13.24 -7.27 -10.76
CA ALA A 295 -13.08 -6.68 -9.44
C ALA A 295 -11.62 -6.74 -8.93
N ASN A 296 -10.71 -7.30 -9.72
CA ASN A 296 -9.33 -7.51 -9.30
C ASN A 296 -8.33 -7.29 -10.46
N ASN A 297 -8.41 -6.13 -11.10
CA ASN A 297 -7.45 -5.71 -12.13
C ASN A 297 -6.27 -5.03 -11.44
N VAL A 298 -5.10 -5.68 -11.41
CA VAL A 298 -3.93 -5.11 -10.79
C VAL A 298 -2.99 -4.62 -11.88
N MET A 299 -2.44 -3.43 -11.65
CA MET A 299 -1.50 -2.84 -12.58
C MET A 299 -0.08 -2.94 -12.04
N SER A 300 0.87 -3.28 -12.91
CA SER A 300 2.26 -3.41 -12.49
C SER A 300 3.20 -2.99 -13.61
N GLY A 301 4.45 -2.73 -13.24
CA GLY A 301 5.47 -2.32 -14.18
C GLY A 301 5.57 -0.81 -14.29
N GLY A 302 6.72 -0.36 -14.76
CA GLY A 302 7.05 1.06 -14.76
C GLY A 302 6.11 1.92 -15.63
N THR A 303 5.60 1.32 -16.68
CA THR A 303 4.75 2.02 -17.60
C THR A 303 3.30 2.13 -17.12
N THR A 304 2.98 1.55 -15.96
CA THR A 304 1.73 1.85 -15.31
C THR A 304 1.84 2.91 -14.24
N MET A 305 3.00 3.56 -14.11
CA MET A 305 3.19 4.54 -13.03
C MET A 305 2.51 5.89 -13.25
N TYR A 306 1.94 6.13 -14.44
CA TYR A 306 1.37 7.47 -14.73
C TYR A 306 0.26 7.78 -13.76
N PRO A 307 0.30 8.94 -13.09
CA PRO A 307 -0.89 9.42 -12.37
C PRO A 307 -2.08 9.43 -13.31
N GLY A 308 -3.24 9.05 -12.78
CA GLY A 308 -4.47 8.98 -13.53
C GLY A 308 -4.75 7.70 -14.30
N ILE A 309 -3.80 6.75 -14.39
CA ILE A 309 -3.99 5.60 -15.24
C ILE A 309 -5.11 4.70 -14.71
N ALA A 310 -5.21 4.61 -13.39
CA ALA A 310 -6.20 3.72 -12.76
C ALA A 310 -7.60 4.23 -12.94
N ASP A 311 -7.79 5.54 -12.71
CA ASP A 311 -9.12 6.15 -12.92
C ASP A 311 -9.57 6.02 -14.38
N ARG A 312 -8.65 6.21 -15.31
CA ARG A 312 -8.95 6.07 -16.74
C ARG A 312 -9.31 4.64 -17.11
N MET A 313 -8.55 3.66 -16.64
CA MET A 313 -8.90 2.26 -16.89
C MET A 313 -10.27 1.92 -16.31
N GLN A 314 -10.54 2.39 -15.09
CA GLN A 314 -11.86 2.23 -14.46
C GLN A 314 -12.98 2.70 -15.38
N LYS A 315 -12.82 3.89 -15.94
CA LYS A 315 -13.80 4.49 -16.80
C LYS A 315 -13.95 3.65 -18.09
N GLU A 316 -12.84 3.27 -18.70
CA GLU A 316 -12.87 2.55 -19.97
C GLU A 316 -13.45 1.15 -19.83
N ILE A 317 -13.06 0.44 -18.77
CA ILE A 317 -13.55 -0.89 -18.53
C ILE A 317 -15.06 -0.85 -18.19
N THR A 318 -15.48 0.14 -17.40
CA THR A 318 -16.91 0.36 -17.09
C THR A 318 -17.74 0.51 -18.38
N ALA A 319 -17.21 1.25 -19.36
CA ALA A 319 -17.92 1.43 -20.64
C ALA A 319 -18.00 0.14 -21.41
N LEU A 320 -17.04 -0.76 -21.24
CA LEU A 320 -17.08 -2.02 -22.01
C LEU A 320 -17.85 -3.16 -21.32
N ALA A 321 -17.86 -3.16 -19.98
CA ALA A 321 -18.36 -4.30 -19.21
C ALA A 321 -19.88 -4.18 -19.07
N PRO A 322 -20.55 -5.25 -18.66
CA PRO A 322 -21.99 -5.18 -18.36
C PRO A 322 -22.28 -4.11 -17.30
N SER A 323 -23.42 -3.45 -17.41
CA SER A 323 -23.71 -2.26 -16.61
C SER A 323 -23.77 -2.50 -15.08
N THR A 324 -24.06 -3.71 -14.66
CA THR A 324 -24.07 -3.97 -13.21
C THR A 324 -22.69 -4.41 -12.66
N MET A 325 -21.71 -4.56 -13.52
CA MET A 325 -20.45 -5.19 -13.09
C MET A 325 -19.65 -4.29 -12.14
N LYS A 326 -19.23 -4.86 -11.02
CA LYS A 326 -18.25 -4.19 -10.16
C LYS A 326 -16.83 -4.24 -10.77
N ILE A 327 -16.28 -3.06 -11.01
CA ILE A 327 -14.98 -2.88 -11.60
C ILE A 327 -14.07 -2.27 -10.53
N LYS A 328 -12.88 -2.83 -10.35
CA LYS A 328 -11.88 -2.24 -9.49
C LYS A 328 -10.51 -2.43 -10.10
N ILE A 329 -9.74 -1.34 -10.14
CA ILE A 329 -8.36 -1.30 -10.60
C ILE A 329 -7.52 -1.00 -9.36
N ILE A 330 -6.52 -1.85 -9.12
CA ILE A 330 -5.58 -1.72 -8.04
C ILE A 330 -4.25 -1.31 -8.66
N ALA A 331 -3.75 -0.16 -8.25
CA ALA A 331 -2.47 0.35 -8.73
C ALA A 331 -1.61 0.69 -7.50
N PRO A 332 -0.90 -0.27 -6.93
CA PRO A 332 -0.08 -0.03 -5.74
C PRO A 332 1.03 1.02 -5.95
N PRO A 333 1.35 1.83 -4.94
CA PRO A 333 2.48 2.77 -5.03
C PRO A 333 3.79 2.07 -5.44
N GLU A 334 3.97 0.83 -5.03
CA GLU A 334 5.21 0.08 -5.26
C GLU A 334 5.23 -0.72 -6.55
N ARG A 335 4.32 -0.40 -7.46
CA ARG A 335 4.11 -1.28 -8.59
C ARG A 335 5.25 -1.35 -9.60
N LYS A 336 6.17 -0.39 -9.55
CA LYS A 336 7.42 -0.51 -10.31
C LYS A 336 8.21 -1.78 -9.94
N TYR A 337 8.13 -2.19 -8.67
CA TYR A 337 8.86 -3.35 -8.17
C TYR A 337 7.96 -4.47 -7.68
N SER A 338 6.70 -4.47 -8.06
CA SER A 338 5.76 -5.45 -7.49
C SER A 338 6.09 -6.89 -7.92
N VAL A 339 6.61 -7.09 -9.12
CA VAL A 339 7.05 -8.41 -9.54
C VAL A 339 8.13 -8.94 -8.55
N TRP A 340 9.17 -8.15 -8.36
CA TRP A 340 10.24 -8.49 -7.42
C TRP A 340 9.67 -8.76 -6.00
N ILE A 341 8.84 -7.86 -5.53
CA ILE A 341 8.24 -7.98 -4.21
C ILE A 341 7.43 -9.27 -4.08
N GLY A 342 6.66 -9.60 -5.10
CA GLY A 342 5.88 -10.82 -5.08
C GLY A 342 6.78 -12.03 -4.96
N GLY A 343 7.92 -12.00 -5.66
CA GLY A 343 8.92 -13.04 -5.51
C GLY A 343 9.51 -13.16 -4.10
N SER A 344 9.77 -12.01 -3.50
CA SER A 344 10.31 -11.92 -2.15
C SER A 344 9.34 -12.52 -1.13
N ILE A 345 8.05 -12.24 -1.29
CA ILE A 345 7.02 -12.79 -0.40
C ILE A 345 6.94 -14.29 -0.58
N LEU A 346 6.79 -14.72 -1.84
CA LEU A 346 6.65 -16.13 -2.18
C LEU A 346 7.81 -16.97 -1.65
N ALA A 347 9.03 -16.55 -1.96
CA ALA A 347 10.21 -17.30 -1.53
C ALA A 347 10.39 -17.32 -0.02
N SER A 348 9.73 -16.39 0.68
CA SER A 348 9.78 -16.32 2.15
C SER A 348 8.77 -17.23 2.85
N LEU A 349 7.77 -17.77 2.17
CA LEU A 349 6.71 -18.52 2.83
C LEU A 349 7.15 -19.92 3.25
N SER A 350 6.83 -20.31 4.47
CA SER A 350 7.14 -21.67 4.89
C SER A 350 6.47 -22.70 3.96
N THR A 351 5.26 -22.39 3.51
CA THR A 351 4.54 -23.27 2.56
C THR A 351 5.12 -23.36 1.13
N PHE A 352 6.06 -22.49 0.77
CA PHE A 352 6.75 -22.57 -0.52
C PHE A 352 7.98 -23.48 -0.51
N GLN A 353 8.53 -23.75 0.67
CA GLN A 353 9.86 -24.36 0.74
C GLN A 353 9.90 -25.75 0.08
N GLN A 354 8.76 -26.45 0.01
CA GLN A 354 8.69 -27.76 -0.66
C GLN A 354 8.56 -27.65 -2.19
N MET A 355 8.31 -26.44 -2.68
CA MET A 355 8.13 -26.21 -4.11
C MET A 355 9.42 -25.88 -4.86
N TRP A 356 10.50 -25.58 -4.17
CA TRP A 356 11.76 -25.27 -4.86
C TRP A 356 12.13 -26.51 -5.67
N ILE A 357 12.66 -26.34 -6.88
CA ILE A 357 13.30 -27.46 -7.58
C ILE A 357 14.71 -27.63 -7.01
N THR A 358 15.07 -28.81 -6.50
CA THR A 358 16.41 -28.94 -5.93
C THR A 358 17.40 -29.44 -6.97
N LYS A 359 18.70 -29.28 -6.68
CA LYS A 359 19.75 -29.76 -7.58
C LYS A 359 19.62 -31.27 -7.69
N GLN A 360 19.27 -31.93 -6.58
CA GLN A 360 19.10 -33.38 -6.57
C GLN A 360 18.00 -33.79 -7.55
N GLU A 361 16.86 -33.11 -7.50
CA GLU A 361 15.79 -33.35 -8.46
C GLU A 361 16.24 -33.10 -9.90
N TYR A 362 17.02 -32.05 -10.12
CA TYR A 362 17.57 -31.76 -11.44
C TYR A 362 18.53 -32.86 -11.89
N ASP A 363 19.37 -33.35 -10.99
CA ASP A 363 20.29 -34.43 -11.36
C ASP A 363 19.54 -35.69 -11.82
N GLU A 364 18.37 -35.96 -11.24
CA GLU A 364 17.59 -37.14 -11.57
C GLU A 364 16.78 -36.99 -12.86
N ALA A 365 16.23 -35.79 -13.10
CA ALA A 365 15.23 -35.61 -14.16
C ALA A 365 15.65 -34.70 -15.31
N GLY A 366 16.70 -33.91 -15.14
CA GLY A 366 17.11 -32.93 -16.16
C GLY A 366 16.19 -31.70 -16.26
N PRO A 367 16.47 -30.79 -17.19
CA PRO A 367 15.80 -29.49 -17.24
C PRO A 367 14.27 -29.53 -17.34
N SER A 368 13.69 -30.63 -17.85
CA SER A 368 12.23 -30.79 -17.99
C SER A 368 11.46 -30.65 -16.68
N ILE A 369 12.13 -30.84 -15.57
CA ILE A 369 11.53 -30.70 -14.23
C ILE A 369 10.91 -29.32 -14.00
N VAL A 370 11.41 -28.30 -14.68
CA VAL A 370 11.00 -26.93 -14.41
C VAL A 370 9.52 -26.66 -14.76
N HIS A 371 8.95 -27.43 -15.66
CA HIS A 371 7.53 -27.25 -16.02
C HIS A 371 6.64 -27.93 -14.96
N THR B 6 -19.74 -15.26 4.30
CA THR B 6 -18.98 -13.98 4.56
C THR B 6 -18.99 -13.54 6.02
N ALA B 7 -17.81 -13.35 6.58
CA ALA B 7 -17.65 -12.83 7.94
C ALA B 7 -17.69 -11.31 7.97
N LEU B 8 -18.02 -10.79 9.14
CA LEU B 8 -18.08 -9.35 9.39
C LEU B 8 -16.92 -8.93 10.26
N VAL B 9 -16.49 -7.69 10.08
CA VAL B 9 -15.45 -7.11 10.91
C VAL B 9 -15.93 -5.78 11.44
N CYS B 10 -15.77 -5.55 12.73
CA CYS B 10 -16.28 -4.34 13.39
C CYS B 10 -15.22 -3.84 14.37
N ASP B 11 -14.63 -2.72 14.00
CA ASP B 11 -13.64 -2.05 14.81
C ASP B 11 -14.37 -1.00 15.61
N ASN B 12 -14.42 -1.20 16.91
CA ASN B 12 -15.19 -0.37 17.81
C ASN B 12 -14.41 0.84 18.29
N GLY B 13 -14.37 1.87 17.46
CA GLY B 13 -13.57 3.06 17.74
C GLY B 13 -14.24 3.97 18.77
N SER B 14 -13.43 4.68 19.56
CA SER B 14 -13.92 5.73 20.45
C SER B 14 -14.70 6.79 19.68
N GLY B 15 -14.16 7.22 18.55
CA GLY B 15 -14.77 8.22 17.69
C GLY B 15 -15.61 7.65 16.57
N LEU B 16 -15.07 6.69 15.83
CA LEU B 16 -15.72 6.11 14.66
C LEU B 16 -15.78 4.59 14.73
N VAL B 17 -16.94 4.03 14.40
CA VAL B 17 -17.07 2.61 14.15
C VAL B 17 -16.66 2.37 12.72
N LYS B 18 -15.82 1.37 12.50
CA LYS B 18 -15.48 0.96 11.14
C LYS B 18 -16.02 -0.44 11.00
N ALA B 19 -16.94 -0.65 10.07
CA ALA B 19 -17.60 -1.93 9.92
C ALA B 19 -17.76 -2.35 8.47
N GLY B 20 -17.70 -3.66 8.24
CA GLY B 20 -17.82 -4.19 6.88
C GLY B 20 -17.62 -5.70 6.79
N PHE B 21 -17.29 -6.15 5.59
CA PHE B 21 -17.26 -7.57 5.29
C PHE B 21 -15.82 -8.00 5.10
N ALA B 22 -15.44 -9.08 5.79
CA ALA B 22 -14.13 -9.71 5.61
C ALA B 22 -13.92 -10.02 4.14
N GLY B 23 -12.74 -9.71 3.66
CA GLY B 23 -12.41 -9.84 2.27
C GLY B 23 -12.46 -8.53 1.50
N ASP B 24 -13.21 -7.53 2.01
CA ASP B 24 -13.22 -6.19 1.41
C ASP B 24 -11.95 -5.49 1.88
N ASP B 25 -11.46 -4.57 1.07
CA ASP B 25 -10.23 -3.84 1.36
C ASP B 25 -10.48 -2.54 2.14
N ALA B 26 -11.76 -2.25 2.43
CA ALA B 26 -12.14 -1.09 3.22
C ALA B 26 -13.49 -1.34 3.90
N PRO B 27 -13.72 -0.73 5.07
CA PRO B 27 -15.01 -0.91 5.74
C PRO B 27 -16.13 -0.27 4.93
N ARG B 28 -17.26 -0.96 4.81
CA ARG B 28 -18.44 -0.41 4.13
C ARG B 28 -19.04 0.80 4.85
N ALA B 29 -19.02 0.75 6.17
CA ALA B 29 -19.68 1.76 6.96
C ALA B 29 -18.67 2.34 7.92
N VAL B 30 -18.62 3.66 7.97
CA VAL B 30 -17.80 4.39 8.91
C VAL B 30 -18.72 5.46 9.47
N PHE B 31 -18.99 5.40 10.78
CA PHE B 31 -19.91 6.32 11.40
C PHE B 31 -19.57 6.60 12.87
N PRO B 32 -19.97 7.76 13.37
CA PRO B 32 -19.73 8.16 14.76
C PRO B 32 -20.22 7.16 15.83
N SER B 33 -19.38 6.92 16.83
CA SER B 33 -19.67 5.99 17.92
C SER B 33 -20.52 6.68 19.00
N ILE B 34 -21.71 7.11 18.58
CA ILE B 34 -22.60 7.93 19.41
C ILE B 34 -24.02 7.32 19.47
N VAL B 35 -24.59 7.32 20.67
CA VAL B 35 -25.96 6.88 20.89
C VAL B 35 -26.75 7.99 21.60
N GLY B 36 -27.74 8.51 20.88
CA GLY B 36 -28.64 9.51 21.40
C GLY B 36 -29.93 8.81 21.76
N ARG B 37 -30.38 9.00 23.01
CA ARG B 37 -31.74 8.66 23.39
C ARG B 37 -32.43 10.03 23.33
N PRO B 38 -33.77 10.03 23.37
CA PRO B 38 -34.56 11.25 23.68
C PRO B 38 -34.11 11.91 24.99
N ARG B 39 -34.14 13.31 24.97
CA ARG B 39 -33.81 14.11 26.18
C ARG B 39 -34.89 14.10 27.26
N HIS B 40 -36.16 13.96 26.85
CA HIS B 40 -37.26 14.00 27.80
C HIS B 40 -38.35 12.97 27.43
N ASP B 51 -37.32 4.12 20.17
CA ASP B 51 -36.72 5.31 20.76
C ASP B 51 -35.21 5.16 21.07
N SER B 52 -34.40 5.11 20.01
CA SER B 52 -32.95 5.29 20.14
C SER B 52 -32.36 5.51 18.76
N TYR B 53 -31.26 6.26 18.68
CA TYR B 53 -30.60 6.58 17.41
C TYR B 53 -29.10 6.47 17.54
N VAL B 54 -28.44 6.10 16.45
CA VAL B 54 -27.00 5.91 16.44
C VAL B 54 -26.36 6.61 15.26
N GLY B 55 -25.10 6.99 15.41
CA GLY B 55 -24.31 7.48 14.30
C GLY B 55 -24.74 8.86 13.87
N ASP B 56 -24.73 9.10 12.56
CA ASP B 56 -24.94 10.43 11.99
C ASP B 56 -26.33 10.96 12.25
N GLU B 57 -27.30 10.06 12.33
CA GLU B 57 -28.69 10.44 12.53
C GLU B 57 -28.86 10.97 13.96
N ALA B 58 -28.09 10.41 14.90
CA ALA B 58 -28.03 10.96 16.24
C ALA B 58 -27.38 12.34 16.22
N GLN B 59 -26.32 12.51 15.44
CA GLN B 59 -25.71 13.84 15.28
C GLN B 59 -26.68 14.84 14.66
N SER B 60 -27.52 14.38 13.71
CA SER B 60 -28.48 15.26 13.04
C SER B 60 -29.65 15.65 13.95
N LYS B 61 -29.90 14.82 14.96
CA LYS B 61 -30.99 15.01 15.89
C LYS B 61 -30.44 15.39 17.27
N ARG B 62 -29.11 15.80 17.29
CA ARG B 62 -28.45 16.10 18.55
C ARG B 62 -29.20 17.10 19.45
N GLY B 63 -29.98 18.01 18.85
CA GLY B 63 -30.75 19.02 19.59
C GLY B 63 -31.89 18.49 20.46
N ILE B 64 -32.48 17.38 20.04
CA ILE B 64 -33.58 16.74 20.79
C ILE B 64 -33.14 15.39 21.40
N LEU B 65 -31.79 15.12 21.37
CA LEU B 65 -31.23 13.88 21.94
C LEU B 65 -30.00 14.08 22.84
N THR B 66 -29.95 13.31 23.95
CA THR B 66 -28.75 13.22 24.77
C THR B 66 -27.77 12.29 24.07
N LEU B 67 -26.68 12.87 23.58
CA LEU B 67 -25.67 12.06 22.94
C LEU B 67 -24.79 11.45 24.01
N LYS B 68 -24.33 10.23 23.74
CA LYS B 68 -23.48 9.47 24.65
C LYS B 68 -22.40 8.74 23.85
N TYR B 69 -21.18 8.75 24.37
CA TYR B 69 -20.05 8.06 23.74
C TYR B 69 -19.74 6.77 24.52
N PRO B 70 -20.18 5.62 24.04
CA PRO B 70 -20.09 4.38 24.84
C PRO B 70 -18.68 3.85 24.98
N ILE B 71 -17.79 4.40 24.15
CA ILE B 71 -16.42 3.99 24.15
C ILE B 71 -15.55 5.20 24.47
N GLU B 72 -14.88 5.12 25.60
CA GLU B 72 -13.90 6.09 26.02
C GLU B 72 -12.62 5.30 26.17
N GLY B 74 -11.13 3.58 24.07
CA GLY B 74 -11.14 2.23 23.52
C GLY B 74 -11.81 1.21 24.44
N ILE B 75 -12.13 1.62 25.66
CA ILE B 75 -12.78 0.75 26.67
C ILE B 75 -14.33 0.88 26.77
N ILE B 76 -15.05 -0.22 26.53
CA ILE B 76 -16.50 -0.14 26.47
C ILE B 76 -17.00 0.16 27.88
N THR B 77 -17.84 1.18 27.94
CA THR B 77 -18.14 1.86 29.17
C THR B 77 -19.62 1.75 29.49
N ASN B 78 -20.46 1.67 28.47
CA ASN B 78 -21.91 1.65 28.66
C ASN B 78 -22.51 0.57 27.76
N TRP B 79 -22.73 -0.62 28.33
CA TRP B 79 -23.11 -1.80 27.56
C TRP B 79 -24.46 -1.70 26.86
N ASP B 80 -25.39 -0.97 27.47
CA ASP B 80 -26.68 -0.68 26.80
C ASP B 80 -26.40 -0.01 25.43
N ASP B 81 -25.68 1.10 25.48
CA ASP B 81 -25.45 1.92 24.31
C ASP B 81 -24.66 1.12 23.28
N MET B 82 -23.77 0.25 23.76
CA MET B 82 -22.93 -0.49 22.87
C MET B 82 -23.78 -1.51 22.15
N GLU B 83 -24.78 -2.06 22.81
CA GLU B 83 -25.74 -2.95 22.17
C GLU B 83 -26.45 -2.22 21.03
N LYS B 84 -26.75 -0.94 21.24
CA LYS B 84 -27.43 -0.16 20.22
C LYS B 84 -26.49 0.15 19.09
N ILE B 85 -25.21 0.36 19.39
CA ILE B 85 -24.21 0.57 18.34
C ILE B 85 -24.20 -0.67 17.45
N TRP B 86 -24.12 -1.86 18.07
CA TRP B 86 -24.00 -3.09 17.31
C TRP B 86 -25.27 -3.40 16.55
N HIS B 87 -26.41 -3.21 17.20
CA HIS B 87 -27.70 -3.38 16.56
C HIS B 87 -27.81 -2.52 15.29
N HIS B 88 -27.58 -1.23 15.43
CA HIS B 88 -27.52 -0.31 14.27
C HIS B 88 -26.48 -0.77 13.22
N THR B 89 -25.33 -1.24 13.65
CA THR B 89 -24.28 -1.69 12.73
C THR B 89 -24.76 -2.84 11.85
N PHE B 90 -25.35 -3.87 12.45
CA PHE B 90 -25.82 -5.02 11.69
C PHE B 90 -27.01 -4.63 10.81
N TYR B 91 -28.09 -4.13 11.43
CA TYR B 91 -29.37 -3.99 10.73
C TYR B 91 -29.49 -2.75 9.80
N ASN B 92 -28.85 -1.64 10.17
CA ASN B 92 -29.02 -0.38 9.43
C ASN B 92 -27.85 -0.05 8.51
N GLU B 93 -26.62 -0.20 9.00
CA GLU B 93 -25.43 0.14 8.21
C GLU B 93 -25.05 -0.98 7.25
N LEU B 94 -24.92 -2.22 7.72
CA LEU B 94 -24.50 -3.34 6.86
C LEU B 94 -25.69 -4.08 6.27
N ARG B 95 -26.85 -3.94 6.91
CA ARG B 95 -28.11 -4.55 6.48
C ARG B 95 -27.98 -6.07 6.33
N VAL B 96 -27.53 -6.68 7.42
CA VAL B 96 -27.33 -8.11 7.51
C VAL B 96 -28.08 -8.66 8.70
N ALA B 97 -28.24 -9.98 8.72
CA ALA B 97 -28.81 -10.66 9.87
C ALA B 97 -27.63 -11.27 10.62
N PRO B 98 -27.33 -10.78 11.83
CA PRO B 98 -26.13 -11.19 12.57
C PRO B 98 -25.99 -12.69 12.76
N GLU B 99 -27.11 -13.41 12.79
CA GLU B 99 -27.10 -14.87 12.96
C GLU B 99 -26.49 -15.61 11.77
N GLU B 100 -26.36 -14.92 10.63
CA GLU B 100 -25.81 -15.51 9.41
C GLU B 100 -24.30 -15.27 9.22
N HIS B 101 -23.62 -14.57 10.14
CA HIS B 101 -22.22 -14.20 9.92
C HIS B 101 -21.33 -14.37 11.15
N PRO B 102 -20.22 -15.09 11.03
CA PRO B 102 -19.14 -15.01 12.00
C PRO B 102 -18.67 -13.56 12.15
N THR B 103 -18.41 -13.08 13.36
CA THR B 103 -18.17 -11.67 13.58
C THR B 103 -16.89 -11.38 14.36
N LEU B 104 -15.95 -10.71 13.73
CA LEU B 104 -14.72 -10.29 14.37
C LEU B 104 -14.88 -8.88 14.93
N LEU B 105 -14.68 -8.75 16.23
CA LEU B 105 -14.66 -7.45 16.91
C LEU B 105 -13.23 -7.08 17.27
N THR B 106 -12.94 -5.80 17.35
CA THR B 106 -11.66 -5.37 17.89
C THR B 106 -11.84 -4.85 19.32
N GLU B 107 -10.73 -4.83 20.07
CA GLU B 107 -10.68 -4.29 21.42
C GLU B 107 -9.40 -3.48 21.57
N ALA B 108 -9.37 -2.62 22.57
CA ALA B 108 -8.18 -1.84 22.86
C ALA B 108 -7.10 -2.71 23.50
N PRO B 109 -5.87 -2.22 23.49
CA PRO B 109 -4.81 -2.82 24.31
C PRO B 109 -5.19 -2.75 25.79
N LEU B 110 -4.97 -3.83 26.52
CA LEU B 110 -5.22 -3.90 27.96
C LEU B 110 -6.70 -3.78 28.34
N ASN B 111 -7.58 -4.16 27.42
CA ASN B 111 -9.01 -4.28 27.76
C ASN B 111 -9.10 -5.23 28.96
N PRO B 112 -9.74 -4.78 30.04
CA PRO B 112 -10.03 -5.68 31.17
C PRO B 112 -10.64 -7.00 30.68
N LYS B 113 -10.25 -8.09 31.34
CA LYS B 113 -10.63 -9.44 30.91
C LYS B 113 -12.16 -9.63 30.90
N ALA B 114 -12.84 -9.09 31.92
CA ALA B 114 -14.31 -9.09 31.97
C ALA B 114 -14.97 -8.28 30.80
N ASN B 115 -14.30 -7.20 30.40
CA ASN B 115 -14.79 -6.42 29.25
C ASN B 115 -14.98 -7.27 27.96
N ARG B 116 -14.00 -8.14 27.72
CA ARG B 116 -14.02 -9.03 26.55
C ARG B 116 -15.15 -10.03 26.59
N GLU B 117 -15.36 -10.57 27.80
CA GLU B 117 -16.41 -11.53 28.02
C GLU B 117 -17.76 -10.90 27.60
N LYS B 118 -18.06 -9.72 28.18
CA LYS B 118 -19.43 -9.12 28.07
C LYS B 118 -19.63 -8.76 26.62
N MET B 119 -18.51 -8.54 25.94
CA MET B 119 -18.50 -8.36 24.51
C MET B 119 -18.92 -9.64 23.77
N THR B 120 -18.40 -10.78 24.23
CA THR B 120 -18.73 -12.07 23.62
C THR B 120 -20.13 -12.57 24.01
N GLN B 121 -20.61 -12.18 25.20
CA GLN B 121 -21.93 -12.59 25.69
C GLN B 121 -23.00 -11.94 24.82
N ILE B 122 -22.85 -10.61 24.66
CA ILE B 122 -23.81 -9.82 23.88
C ILE B 122 -23.85 -10.33 22.45
N MET B 123 -22.70 -10.75 21.95
CA MET B 123 -22.62 -11.23 20.59
C MET B 123 -23.40 -12.52 20.43
N PHE B 124 -23.25 -13.43 21.39
CA PHE B 124 -23.91 -14.72 21.32
C PHE B 124 -25.37 -14.66 21.72
N GLU B 125 -25.69 -13.88 22.76
CA GLU B 125 -27.02 -13.96 23.39
C GLU B 125 -28.09 -13.04 22.80
N THR B 126 -27.62 -11.82 22.39
CA THR B 126 -28.55 -10.83 21.84
C THR B 126 -28.61 -10.91 20.32
N PHE B 127 -27.43 -10.92 19.67
CA PHE B 127 -27.40 -10.99 18.20
C PHE B 127 -27.33 -12.44 17.67
N ASN B 128 -27.05 -13.42 18.54
CA ASN B 128 -27.03 -14.86 18.19
C ASN B 128 -26.16 -15.19 16.94
N VAL B 129 -24.95 -14.65 16.96
CA VAL B 129 -23.97 -14.90 15.93
C VAL B 129 -23.51 -16.37 15.97
N PRO B 130 -23.24 -16.95 14.81
CA PRO B 130 -22.78 -18.35 14.75
C PRO B 130 -21.40 -18.49 15.38
N ALA B 131 -20.59 -17.45 15.22
CA ALA B 131 -19.22 -17.45 15.67
C ALA B 131 -18.75 -16.02 15.89
N MET B 132 -17.72 -15.85 16.70
CA MET B 132 -17.06 -14.56 16.84
C MET B 132 -15.61 -14.69 17.31
N TYR B 133 -14.91 -13.56 17.30
CA TYR B 133 -13.53 -13.51 17.77
C TYR B 133 -13.24 -12.08 18.18
N VAL B 134 -12.27 -11.90 19.07
CA VAL B 134 -11.91 -10.56 19.53
C VAL B 134 -10.42 -10.36 19.43
N ALA B 135 -10.01 -9.32 18.68
CA ALA B 135 -8.61 -9.04 18.45
C ALA B 135 -8.21 -7.61 18.83
N ILE B 136 -6.97 -7.47 19.27
CA ILE B 136 -6.45 -6.19 19.68
C ILE B 136 -6.19 -5.35 18.47
N GLN B 137 -6.60 -4.09 18.55
CA GLN B 137 -6.54 -3.19 17.43
C GLN B 137 -5.12 -3.04 16.84
N ALA B 138 -4.16 -2.76 17.71
CA ALA B 138 -2.77 -2.54 17.30
C ALA B 138 -2.21 -3.78 16.63
N VAL B 139 -2.55 -4.96 17.14
CA VAL B 139 -2.09 -6.22 16.54
C VAL B 139 -2.61 -6.42 15.14
N LEU B 140 -3.89 -6.06 14.92
CA LEU B 140 -4.46 -6.14 13.59
C LEU B 140 -3.75 -5.19 12.64
N SER B 141 -3.36 -4.00 13.13
CA SER B 141 -2.57 -3.08 12.28
C SER B 141 -1.22 -3.66 11.90
N LEU B 142 -0.55 -4.34 12.83
CA LEU B 142 0.69 -5.01 12.48
C LEU B 142 0.48 -6.06 11.37
N TYR B 143 -0.56 -6.86 11.51
CA TYR B 143 -0.91 -7.89 10.52
C TYR B 143 -1.18 -7.27 9.16
N ALA B 144 -1.87 -6.13 9.18
CA ALA B 144 -2.19 -5.44 7.92
C ALA B 144 -0.94 -4.99 7.15
N SER B 145 0.17 -4.77 7.85
CA SER B 145 1.46 -4.46 7.18
C SER B 145 2.22 -5.73 6.75
N GLY B 146 1.67 -6.91 7.04
CA GLY B 146 2.26 -8.18 6.63
C GLY B 146 3.30 -8.72 7.63
N ARG B 147 3.20 -8.27 8.89
CA ARG B 147 4.18 -8.63 9.93
C ARG B 147 3.51 -9.27 11.13
N THR B 148 4.27 -10.06 11.88
CA THR B 148 3.87 -10.46 13.23
C THR B 148 4.83 -9.95 14.30
N THR B 149 5.90 -9.27 13.91
CA THR B 149 6.78 -8.64 14.88
C THR B 149 6.95 -7.19 14.50
N GLY B 150 6.73 -6.30 15.46
CA GLY B 150 6.88 -4.88 15.26
C GLY B 150 6.40 -4.13 16.49
N ILE B 151 6.60 -2.83 16.49
CA ILE B 151 5.96 -1.96 17.48
C ILE B 151 4.97 -1.04 16.76
N VAL B 152 3.75 -1.03 17.26
CA VAL B 152 2.69 -0.21 16.69
C VAL B 152 2.48 1.03 17.54
N LEU B 153 2.30 2.15 16.86
CA LEU B 153 1.78 3.38 17.42
C LEU B 153 0.40 3.58 16.77
N ASP B 154 -0.64 3.42 17.57
CA ASP B 154 -2.02 3.62 17.15
C ASP B 154 -2.60 4.85 17.81
N SER B 155 -2.68 5.97 17.09
CA SER B 155 -3.30 7.18 17.61
C SER B 155 -4.65 7.41 16.94
N GLY B 156 -5.70 7.43 17.74
CA GLY B 156 -7.06 7.52 17.23
C GLY B 156 -7.77 8.76 17.74
N ASP B 157 -9.00 8.58 18.18
CA ASP B 157 -9.84 9.70 18.58
C ASP B 157 -9.60 10.03 20.04
N GLY B 158 -9.76 9.06 20.92
CA GLY B 158 -9.66 9.27 22.35
C GLY B 158 -8.33 8.93 23.02
N VAL B 159 -7.59 7.97 22.45
CA VAL B 159 -6.27 7.53 22.97
C VAL B 159 -5.20 7.36 21.89
N THR B 160 -3.95 7.49 22.35
CA THR B 160 -2.77 7.02 21.65
C THR B 160 -2.14 5.88 22.46
N HIS B 161 -1.54 4.93 21.75
CA HIS B 161 -1.02 3.71 22.34
C HIS B 161 0.23 3.22 21.60
N ASN B 162 1.24 2.78 22.35
CA ASN B 162 2.34 2.02 21.80
C ASN B 162 2.25 0.57 22.28
N VAL B 163 2.31 -0.36 21.34
CA VAL B 163 2.17 -1.77 21.64
C VAL B 163 3.26 -2.50 20.85
N PRO B 164 4.27 -2.97 21.57
CA PRO B 164 5.27 -3.85 20.97
C PRO B 164 4.69 -5.25 20.87
N ILE B 165 4.98 -5.94 19.76
CA ILE B 165 4.40 -7.23 19.44
C ILE B 165 5.48 -8.17 18.92
N TYR B 166 5.52 -9.40 19.44
CA TYR B 166 6.55 -10.38 19.08
C TYR B 166 5.93 -11.73 18.71
N GLU B 167 6.18 -12.17 17.48
CA GLU B 167 5.67 -13.45 16.98
C GLU B 167 4.17 -13.63 17.16
N GLY B 168 3.41 -12.56 16.89
CA GLY B 168 1.98 -12.56 17.06
C GLY B 168 1.50 -12.07 18.42
N TYR B 169 2.36 -12.15 19.43
CA TYR B 169 2.00 -11.82 20.82
C TYR B 169 2.31 -10.36 21.15
N ALA B 170 1.26 -9.55 21.36
CA ALA B 170 1.44 -8.26 22.01
C ALA B 170 2.09 -8.49 23.38
N LEU B 171 2.86 -7.51 23.82
CA LEU B 171 3.60 -7.59 25.07
C LEU B 171 3.03 -6.52 26.00
N PRO B 172 2.08 -6.92 26.87
CA PRO B 172 1.40 -6.00 27.79
C PRO B 172 2.33 -5.19 28.70
N HIS B 173 3.41 -5.80 29.19
CA HIS B 173 4.33 -5.10 30.09
C HIS B 173 4.94 -3.82 29.49
N ALA B 174 5.18 -3.84 28.18
CA ALA B 174 5.87 -2.73 27.52
C ALA B 174 4.91 -1.69 26.89
N ILE B 175 3.61 -1.95 26.97
CA ILE B 175 2.61 -1.06 26.39
C ILE B 175 2.65 0.29 27.08
N MET B 176 2.61 1.38 26.31
CA MET B 176 2.44 2.73 26.83
C MET B 176 1.14 3.34 26.30
N ARG B 177 0.42 4.04 27.16
CA ARG B 177 -0.88 4.61 26.84
C ARG B 177 -0.81 6.10 27.08
N LEU B 178 -0.55 6.87 26.01
CA LEU B 178 -0.60 8.31 26.06
C LEU B 178 -2.08 8.75 26.06
N ASP B 179 -2.47 9.58 27.03
CA ASP B 179 -3.89 9.90 27.25
C ASP B 179 -4.33 11.13 26.44
N LEU B 180 -4.25 11.01 25.11
CA LEU B 180 -4.30 12.18 24.22
C LEU B 180 -4.30 11.73 22.75
N ALA B 181 -5.26 12.23 21.96
CA ALA B 181 -5.37 11.90 20.52
C ALA B 181 -6.23 12.90 19.70
N GLY B 182 -6.77 12.44 18.56
CA GLY B 182 -7.55 13.26 17.63
C GLY B 182 -8.55 14.28 18.17
N ARG B 183 -9.39 13.89 19.13
CA ARG B 183 -10.31 14.82 19.79
C ARG B 183 -9.55 15.97 20.46
N ASP B 184 -8.42 15.63 21.05
CA ASP B 184 -7.59 16.60 21.76
C ASP B 184 -6.82 17.55 20.84
N LEU B 185 -6.56 17.11 19.61
CA LEU B 185 -5.95 17.98 18.60
C LEU B 185 -7.02 18.86 17.94
N THR B 186 -8.23 18.31 17.81
CA THR B 186 -9.41 19.03 17.32
C THR B 186 -9.80 20.15 18.29
N ASP B 187 -9.76 19.84 19.59
CA ASP B 187 -10.13 20.79 20.67
C ASP B 187 -9.14 21.95 20.72
N TYR B 188 -7.86 21.60 20.68
CA TYR B 188 -6.75 22.55 20.71
C TYR B 188 -6.73 23.45 19.47
N LEU B 189 -7.06 22.90 18.30
CA LEU B 189 -7.04 23.68 17.06
C LEU B 189 -8.14 24.75 17.07
N MET B 190 -9.24 24.49 17.76
CA MET B 190 -10.31 25.48 17.94
C MET B 190 -9.88 26.59 18.88
N LYS B 191 -9.08 26.24 19.88
CA LYS B 191 -8.57 27.20 20.86
C LYS B 191 -7.62 28.20 20.22
N ILE B 192 -6.67 27.69 19.43
CA ILE B 192 -5.63 28.54 18.83
C ILE B 192 -6.06 29.32 17.58
N LEU B 193 -7.07 28.81 16.87
CA LEU B 193 -7.57 29.45 15.65
C LEU B 193 -8.36 30.71 15.98
N THR B 194 -9.19 30.61 17.03
CA THR B 194 -9.99 31.74 17.49
C THR B 194 -9.17 32.82 18.20
N GLU B 195 -7.91 32.51 18.53
CA GLU B 195 -7.00 33.48 19.15
C GLU B 195 -6.40 34.45 18.12
N ARG B 196 -6.10 33.95 16.92
CA ARG B 196 -5.51 34.76 15.86
C ARG B 196 -6.48 35.78 15.25
N GLY B 197 -7.78 35.53 15.36
CA GLY B 197 -8.80 36.43 14.85
C GLY B 197 -10.21 35.86 14.69
N TYR B 198 -10.32 34.60 14.28
CA TYR B 198 -11.60 33.99 13.90
C TYR B 198 -12.41 33.57 15.13
N SER B 199 -13.47 32.78 14.93
CA SER B 199 -14.33 32.36 16.04
C SER B 199 -14.82 30.92 15.90
N PHE B 200 -14.25 30.03 16.71
CA PHE B 200 -14.61 28.61 16.72
C PHE B 200 -14.77 28.12 18.16
N VAL B 201 -16.03 27.88 18.57
CA VAL B 201 -16.37 27.51 19.95
C VAL B 201 -17.52 26.48 20.06
N THR B 202 -18.38 26.39 19.04
CA THR B 202 -19.65 25.65 19.15
C THR B 202 -19.61 24.23 18.56
N THR B 203 -20.75 23.56 18.61
CA THR B 203 -20.90 22.17 18.15
C THR B 203 -20.77 21.99 16.63
N ALA B 204 -21.38 22.88 15.85
CA ALA B 204 -21.34 22.79 14.39
C ALA B 204 -20.06 23.44 13.85
N GLU B 205 -19.48 24.36 14.61
CA GLU B 205 -18.19 24.95 14.27
C GLU B 205 -17.04 24.00 14.61
N ARG B 206 -17.34 22.99 15.44
CA ARG B 206 -16.42 21.90 15.74
C ARG B 206 -16.21 20.99 14.53
N GLU B 207 -17.30 20.74 13.79
CA GLU B 207 -17.25 19.87 12.60
C GLU B 207 -16.41 20.53 11.50
N ILE B 208 -16.37 21.86 11.52
CA ILE B 208 -15.61 22.64 10.55
C ILE B 208 -14.10 22.58 10.82
N VAL B 209 -13.70 22.71 12.08
CA VAL B 209 -12.28 22.78 12.44
C VAL B 209 -11.61 21.39 12.42
N ARG B 210 -12.40 20.34 12.54
CA ARG B 210 -11.91 18.97 12.35
C ARG B 210 -11.73 18.69 10.85
N ASP B 211 -12.51 19.37 10.01
CA ASP B 211 -12.30 19.32 8.57
C ASP B 211 -10.96 19.99 8.22
N ILE B 212 -10.71 21.15 8.80
CA ILE B 212 -9.45 21.89 8.60
C ILE B 212 -8.27 21.07 9.11
N LYS B 213 -8.50 20.34 10.19
CA LYS B 213 -7.45 19.54 10.81
C LYS B 213 -6.95 18.49 9.82
N GLU B 214 -7.90 17.81 9.18
CA GLU B 214 -7.61 16.66 8.33
C GLU B 214 -7.15 17.04 6.91
N LYS B 215 -7.17 18.34 6.59
CA LYS B 215 -6.83 18.80 5.22
C LYS B 215 -5.54 19.64 5.14
N LEU B 216 -5.24 20.41 6.18
CA LEU B 216 -4.15 21.39 6.11
C LEU B 216 -3.04 21.16 7.13
N CYS B 217 -3.30 20.38 8.16
CA CYS B 217 -2.31 20.19 9.21
C CYS B 217 -1.19 19.29 8.70
N TYR B 218 0.02 19.49 9.23
CA TYR B 218 1.15 18.60 8.93
C TYR B 218 2.23 18.64 10.01
N VAL B 219 3.02 17.57 10.11
CA VAL B 219 4.13 17.52 11.06
C VAL B 219 5.40 18.06 10.41
N ALA B 220 5.88 19.18 10.92
CA ALA B 220 7.13 19.78 10.44
C ALA B 220 8.30 18.90 10.86
N LEU B 221 9.31 18.81 9.99
CA LEU B 221 10.49 17.99 10.26
C LEU B 221 11.37 18.58 11.37
N ASP B 222 11.61 19.89 11.32
CA ASP B 222 12.30 20.59 12.39
C ASP B 222 11.36 21.69 12.90
N PHE B 223 10.82 21.52 14.11
CA PHE B 223 9.85 22.48 14.63
C PHE B 223 10.47 23.86 14.87
N GLU B 224 11.75 23.90 15.21
CA GLU B 224 12.46 25.18 15.36
C GLU B 224 12.54 25.95 14.03
N ASN B 225 12.88 25.26 12.95
CA ASN B 225 13.07 25.91 11.64
C ASN B 225 11.77 26.33 10.95
N GLU B 226 10.65 25.73 11.32
CA GLU B 226 9.37 26.00 10.64
C GLU B 226 8.52 27.05 11.39
N MET B 227 8.79 27.24 12.68
CA MET B 227 8.18 28.33 13.43
C MET B 227 8.96 29.62 13.16
N ALA B 228 10.25 29.48 12.87
CA ALA B 228 11.10 30.61 12.48
C ALA B 228 10.92 30.97 10.99
N THR B 229 10.39 30.03 10.20
CA THR B 229 10.08 30.28 8.79
C THR B 229 8.79 31.10 8.65
N ALA B 230 7.76 30.71 9.39
CA ALA B 230 6.43 31.33 9.30
C ALA B 230 6.42 32.80 9.72
N ALA B 231 7.12 33.12 10.81
CA ALA B 231 7.11 34.48 11.36
C ALA B 231 7.96 35.49 10.58
N SER B 232 8.65 35.01 9.53
CA SER B 232 9.43 35.91 8.64
C SER B 232 9.22 35.61 7.15
N SER B 233 8.22 34.80 6.81
CA SER B 233 7.93 34.46 5.42
C SER B 233 6.58 33.72 5.30
N SER B 234 5.76 34.16 4.34
CA SER B 234 4.38 33.69 4.22
C SER B 234 4.22 32.38 3.42
N SER B 235 5.31 31.61 3.26
CA SER B 235 5.30 30.44 2.39
C SER B 235 4.42 29.27 2.84
N LEU B 236 3.92 29.31 4.07
CA LEU B 236 3.18 28.19 4.66
C LEU B 236 1.66 28.42 4.75
N GLU B 237 1.16 29.54 4.24
CA GLU B 237 -0.27 29.87 4.37
C GLU B 237 -1.12 29.16 3.32
N LYS B 238 -2.31 28.72 3.71
CA LYS B 238 -3.29 28.12 2.80
C LYS B 238 -4.68 28.69 3.07
N SER B 239 -5.55 28.64 2.05
CA SER B 239 -6.88 29.26 2.15
C SER B 239 -7.99 28.21 2.22
N TYR B 240 -8.90 28.39 3.17
CA TYR B 240 -9.97 27.41 3.45
C TYR B 240 -11.35 28.04 3.29
N GLU B 241 -12.25 27.31 2.63
CA GLU B 241 -13.61 27.79 2.35
C GLU B 241 -14.61 27.30 3.40
N LEU B 242 -15.19 28.24 4.15
CA LEU B 242 -16.22 27.96 5.15
C LEU B 242 -17.54 27.57 4.48
N PRO B 243 -18.37 26.77 5.16
CA PRO B 243 -19.77 26.55 4.75
C PRO B 243 -20.65 27.80 4.84
N ASP B 244 -20.33 28.71 5.74
CA ASP B 244 -21.03 30.00 5.84
C ASP B 244 -20.81 30.85 4.59
N GLY B 245 -19.75 30.55 3.83
CA GLY B 245 -19.48 31.17 2.55
C GLY B 245 -18.45 32.28 2.65
N GLN B 246 -17.21 31.92 2.99
CA GLN B 246 -16.13 32.89 3.13
C GLN B 246 -14.74 32.26 3.00
N VAL B 247 -13.70 33.06 3.28
CA VAL B 247 -12.31 32.63 3.14
C VAL B 247 -11.46 33.09 4.32
N ILE B 248 -10.79 32.13 4.96
CA ILE B 248 -9.80 32.42 6.00
C ILE B 248 -8.43 31.91 5.57
N THR B 249 -7.40 32.25 6.35
CA THR B 249 -6.04 31.84 6.03
C THR B 249 -5.30 31.34 7.27
N ILE B 250 -5.09 30.02 7.32
CA ILE B 250 -4.41 29.35 8.42
C ILE B 250 -2.91 29.26 8.15
N GLY B 251 -2.11 29.79 9.07
CA GLY B 251 -0.66 29.87 8.91
C GLY B 251 0.08 28.85 9.74
N ASN B 252 0.72 29.32 10.82
CA ASN B 252 1.60 28.46 11.63
C ASN B 252 0.89 27.34 12.41
N GLU B 253 -0.43 27.43 12.55
CA GLU B 253 -1.20 26.41 13.27
C GLU B 253 -1.50 25.14 12.47
N ARG B 254 -1.03 25.08 11.23
CA ARG B 254 -1.12 23.85 10.45
C ARG B 254 -0.29 22.77 11.13
N PHE B 255 0.95 23.11 11.46
CA PHE B 255 1.91 22.16 12.04
C PHE B 255 1.98 22.21 13.55
N ARG B 256 1.48 23.29 14.14
CA ARG B 256 1.47 23.46 15.60
C ARG B 256 0.44 22.53 16.23
N CYS B 257 -0.69 22.37 15.57
CA CYS B 257 -1.74 21.47 16.03
C CYS B 257 -1.20 20.04 16.29
N PRO B 258 -0.67 19.37 15.26
CA PRO B 258 -0.15 18.01 15.41
C PRO B 258 1.24 17.91 16.05
N GLU B 259 1.91 19.05 16.29
CA GLU B 259 3.18 19.03 17.03
C GLU B 259 2.93 18.54 18.46
N THR B 260 1.69 18.72 18.91
CA THR B 260 1.23 18.25 20.21
C THR B 260 1.58 16.76 20.42
N LEU B 261 1.45 15.94 19.38
CA LEU B 261 1.81 14.53 19.46
C LEU B 261 3.24 14.26 19.93
N PHE B 262 4.19 15.07 19.44
CA PHE B 262 5.60 14.98 19.85
C PHE B 262 5.98 15.72 21.12
N GLN B 263 5.20 16.72 21.50
CA GLN B 263 5.38 17.40 22.77
C GLN B 263 3.97 17.78 23.29
N PRO B 264 3.37 16.88 24.06
CA PRO B 264 2.04 17.13 24.66
C PRO B 264 1.89 18.33 25.62
N SER B 265 2.96 19.03 26.02
CA SER B 265 2.86 20.18 26.97
C SER B 265 2.05 21.35 26.36
N PHE B 266 1.82 21.32 25.05
CA PHE B 266 1.04 22.35 24.34
C PHE B 266 -0.39 22.52 24.84
N ILE B 267 -1.03 21.44 25.28
CA ILE B 267 -2.39 21.51 25.83
C ILE B 267 -2.44 21.35 27.36
N GLY B 268 -1.36 21.73 28.03
CA GLY B 268 -1.26 21.64 29.48
C GLY B 268 -1.07 20.20 29.99
N MET B 269 -0.53 19.32 29.14
CA MET B 269 -0.41 17.89 29.46
C MET B 269 1.05 17.40 29.70
N GLU B 270 1.13 16.57 30.79
CA GLU B 270 2.41 16.30 31.44
C GLU B 270 3.28 15.31 30.61
N SER B 271 2.70 14.19 30.23
CA SER B 271 3.45 13.05 29.66
C SER B 271 4.11 13.27 28.24
N ALA B 272 5.10 12.44 27.96
CA ALA B 272 6.03 12.70 26.87
C ALA B 272 5.47 12.29 25.48
N GLY B 273 6.13 12.82 24.44
CA GLY B 273 5.60 12.72 23.10
C GLY B 273 5.57 11.30 22.54
N ILE B 274 5.07 11.17 21.32
CA ILE B 274 4.88 9.85 20.72
C ILE B 274 6.22 9.24 20.30
N HIS B 275 7.20 10.10 20.01
CA HIS B 275 8.56 9.65 19.70
C HIS B 275 9.26 9.05 20.92
N GLU B 276 8.96 9.58 22.12
CA GLU B 276 9.54 9.05 23.33
C GLU B 276 8.81 7.80 23.85
N THR B 277 7.48 7.79 23.74
CA THR B 277 6.72 6.63 24.22
C THR B 277 7.09 5.43 23.37
N THR B 278 7.46 5.71 22.12
CA THR B 278 7.88 4.69 21.15
C THR B 278 9.25 4.06 21.48
N TYR B 279 10.24 4.93 21.73
CA TYR B 279 11.56 4.53 22.23
C TYR B 279 11.37 3.67 23.49
N ASN B 280 10.67 4.26 24.48
CA ASN B 280 10.58 3.66 25.83
C ASN B 280 9.92 2.29 25.77
N SER B 281 8.98 2.12 24.85
CA SER B 281 8.24 0.86 24.71
C SER B 281 9.16 -0.28 24.26
N ILE B 282 10.05 0.11 23.31
CA ILE B 282 11.12 -0.76 22.84
C ILE B 282 12.08 -1.17 23.98
N MET B 283 12.39 -0.24 24.89
CA MET B 283 13.36 -0.52 25.96
C MET B 283 12.75 -1.39 27.06
N LYS B 284 11.40 -1.40 27.13
CA LYS B 284 10.71 -2.28 28.07
C LYS B 284 10.63 -3.73 27.56
N CYS B 285 11.03 -3.90 26.29
CA CYS B 285 11.11 -5.24 25.69
C CYS B 285 12.50 -5.88 25.81
N ASP B 286 12.50 -7.22 25.71
CA ASP B 286 13.73 -8.04 25.76
C ASP B 286 14.79 -7.44 24.85
N ILE B 287 16.03 -7.33 25.33
CA ILE B 287 17.09 -6.70 24.53
C ILE B 287 17.32 -7.40 23.18
N ASP B 288 17.06 -8.70 23.12
CA ASP B 288 17.38 -9.48 21.93
C ASP B 288 16.37 -9.34 20.80
N ILE B 289 15.24 -8.67 21.05
CA ILE B 289 14.23 -8.42 20.03
C ILE B 289 14.15 -6.94 19.62
N ARG B 290 14.93 -6.07 20.28
CA ARG B 290 14.80 -4.62 20.06
C ARG B 290 15.15 -4.31 18.60
N LYS B 291 16.17 -5.00 18.10
CA LYS B 291 16.52 -4.99 16.67
C LYS B 291 15.26 -5.03 15.80
N ASP B 292 14.47 -6.07 15.99
CA ASP B 292 13.28 -6.32 15.17
C ASP B 292 12.21 -5.22 15.35
N LEU B 293 12.07 -4.69 16.56
CA LEU B 293 11.10 -3.63 16.83
C LEU B 293 11.48 -2.32 16.14
N TYR B 294 12.74 -1.92 16.31
CA TYR B 294 13.28 -0.70 15.72
C TYR B 294 13.05 -0.63 14.22
N ALA B 295 13.25 -1.76 13.54
CA ALA B 295 13.14 -1.83 12.08
C ALA B 295 11.75 -2.19 11.58
N ASN B 296 10.77 -2.26 12.48
CA ASN B 296 9.38 -2.57 12.11
C ASN B 296 8.40 -1.72 12.91
N ASN B 297 8.57 -0.40 12.85
CA ASN B 297 7.72 0.53 13.57
C ASN B 297 6.52 0.93 12.70
N VAL B 298 5.35 0.39 12.99
CA VAL B 298 4.17 0.64 12.20
C VAL B 298 3.24 1.69 12.82
N MET B 299 2.82 2.67 12.03
CA MET B 299 1.87 3.68 12.50
C MET B 299 0.48 3.45 11.92
N SER B 300 -0.51 3.63 12.78
CA SER B 300 -1.92 3.47 12.41
C SER B 300 -2.86 4.42 13.16
N GLY B 301 -4.04 4.59 12.59
CA GLY B 301 -5.10 5.36 13.21
C GLY B 301 -5.14 6.75 12.62
N GLY B 302 -6.34 7.33 12.63
CA GLY B 302 -6.58 8.63 12.01
C GLY B 302 -5.60 9.71 12.38
N THR B 303 -5.16 9.71 13.62
CA THR B 303 -4.27 10.76 14.09
C THR B 303 -2.80 10.57 13.67
N THR B 304 -2.48 9.46 13.02
CA THR B 304 -1.15 9.34 12.37
C THR B 304 -1.15 9.79 10.91
N MET B 305 -2.28 10.27 10.41
CA MET B 305 -2.40 10.65 8.99
C MET B 305 -1.63 11.90 8.58
N TYR B 306 -1.23 12.74 9.54
CA TYR B 306 -0.53 13.98 9.21
C TYR B 306 0.69 13.66 8.31
N PRO B 307 0.78 14.28 7.14
CA PRO B 307 2.00 14.17 6.33
C PRO B 307 3.23 14.65 7.09
N GLY B 308 4.36 13.97 6.91
CA GLY B 308 5.60 14.36 7.56
C GLY B 308 5.82 13.69 8.90
N ILE B 309 4.79 13.05 9.46
CA ILE B 309 4.88 12.42 10.79
C ILE B 309 5.82 11.22 10.80
N ALA B 310 5.93 10.53 9.67
CA ALA B 310 6.85 9.39 9.54
C ALA B 310 8.32 9.84 9.48
N ASP B 311 8.60 10.85 8.67
CA ASP B 311 9.94 11.47 8.62
C ASP B 311 10.34 12.05 9.98
N ARG B 312 9.39 12.68 10.66
CA ARG B 312 9.68 13.33 11.95
C ARG B 312 9.93 12.29 13.03
N MET B 313 9.14 11.23 13.03
CA MET B 313 9.32 10.13 13.95
C MET B 313 10.66 9.46 13.67
N GLN B 314 10.99 9.34 12.40
CA GLN B 314 12.24 8.72 11.96
C GLN B 314 13.43 9.50 12.50
N LYS B 315 13.33 10.83 12.53
CA LYS B 315 14.43 11.68 13.01
C LYS B 315 14.61 11.49 14.49
N GLU B 316 13.52 11.62 15.23
CA GLU B 316 13.56 11.61 16.69
C GLU B 316 14.08 10.28 17.24
N ILE B 317 13.72 9.14 16.64
CA ILE B 317 14.12 7.86 17.23
C ILE B 317 15.55 7.41 16.80
N THR B 318 16.02 7.82 15.62
CA THR B 318 17.44 7.55 15.28
C THR B 318 18.39 8.28 16.23
N ALA B 319 17.96 9.44 16.71
CA ALA B 319 18.72 10.23 17.70
C ALA B 319 18.68 9.56 19.08
N LEU B 320 17.55 8.99 19.44
CA LEU B 320 17.35 8.38 20.76
C LEU B 320 17.97 6.98 20.89
N ALA B 321 17.99 6.24 19.79
CA ALA B 321 18.40 4.84 19.78
C ALA B 321 19.90 4.74 19.47
N PRO B 322 20.52 3.57 19.69
CA PRO B 322 21.95 3.41 19.39
C PRO B 322 22.27 3.83 17.94
N SER B 323 23.48 4.32 17.71
CA SER B 323 23.83 5.03 16.46
C SER B 323 23.75 4.16 15.18
N THR B 324 23.96 2.83 15.36
CA THR B 324 24.07 1.89 14.23
C THR B 324 22.78 1.05 14.05
N MET B 325 21.84 1.22 14.96
CA MET B 325 20.56 0.51 14.92
C MET B 325 19.76 0.83 13.65
N LYS B 326 19.38 -0.19 12.89
CA LYS B 326 18.56 0.03 11.71
C LYS B 326 17.11 0.34 12.12
N ILE B 327 16.61 1.48 11.64
CA ILE B 327 15.33 2.05 12.06
C ILE B 327 14.44 2.27 10.85
N LYS B 328 13.20 1.81 10.94
CA LYS B 328 12.25 1.95 9.82
C LYS B 328 10.83 2.22 10.30
N ILE B 329 10.27 3.34 9.84
CA ILE B 329 8.90 3.71 10.14
C ILE B 329 8.05 3.34 8.93
N ILE B 330 7.03 2.51 9.18
CA ILE B 330 6.06 2.08 8.16
C ILE B 330 4.74 2.79 8.44
N ALA B 331 4.34 3.65 7.52
CA ALA B 331 3.09 4.38 7.61
C ALA B 331 2.34 4.23 6.29
N PRO B 332 1.61 3.12 6.17
CA PRO B 332 0.85 2.80 4.96
C PRO B 332 -0.16 3.92 4.63
N PRO B 333 -0.37 4.19 3.34
CA PRO B 333 -1.37 5.21 2.94
C PRO B 333 -2.79 4.92 3.45
N GLU B 334 -3.08 3.64 3.71
CA GLU B 334 -4.39 3.19 4.22
C GLU B 334 -4.48 3.13 5.75
N ARG B 335 -3.53 3.73 6.45
CA ARG B 335 -3.38 3.50 7.89
C ARG B 335 -4.54 3.99 8.80
N LYS B 336 -5.33 4.91 8.30
CA LYS B 336 -6.61 5.28 8.91
C LYS B 336 -7.51 4.05 9.19
N TYR B 337 -7.46 3.03 8.32
CA TYR B 337 -8.28 1.83 8.47
C TYR B 337 -7.47 0.56 8.60
N SER B 338 -6.18 0.68 8.91
CA SER B 338 -5.30 -0.48 9.09
C SER B 338 -5.79 -1.51 10.10
N VAL B 339 -6.46 -1.05 11.16
CA VAL B 339 -6.99 -1.96 12.15
C VAL B 339 -8.08 -2.79 11.47
N TRP B 340 -9.02 -2.09 10.84
CA TRP B 340 -10.13 -2.76 10.16
C TRP B 340 -9.57 -3.70 9.06
N ILE B 341 -8.62 -3.22 8.27
CA ILE B 341 -8.06 -4.04 7.19
C ILE B 341 -7.38 -5.31 7.74
N GLY B 342 -6.64 -5.18 8.82
CA GLY B 342 -6.03 -6.33 9.45
C GLY B 342 -7.05 -7.38 9.89
N GLY B 343 -8.19 -6.93 10.42
CA GLY B 343 -9.31 -7.80 10.69
C GLY B 343 -9.88 -8.47 9.45
N SER B 344 -10.01 -7.73 8.36
CA SER B 344 -10.56 -8.27 7.12
C SER B 344 -9.67 -9.38 6.56
N ILE B 345 -8.36 -9.17 6.65
CA ILE B 345 -7.37 -10.16 6.25
C ILE B 345 -7.50 -11.40 7.12
N LEU B 346 -7.43 -11.19 8.43
CA LEU B 346 -7.39 -12.29 9.38
C LEU B 346 -8.62 -13.18 9.27
N ALA B 347 -9.80 -12.57 9.27
CA ALA B 347 -11.05 -13.32 9.17
C ALA B 347 -11.26 -14.01 7.84
N SER B 348 -10.48 -13.66 6.82
CA SER B 348 -10.59 -14.29 5.49
C SER B 348 -9.67 -15.47 5.32
N LEU B 349 -8.70 -15.64 6.23
CA LEU B 349 -7.69 -16.68 6.06
C LEU B 349 -8.32 -18.03 6.31
N SER B 350 -7.98 -19.02 5.49
CA SER B 350 -8.54 -20.35 5.68
C SER B 350 -7.97 -20.92 6.98
N THR B 351 -6.72 -20.57 7.28
CA THR B 351 -6.05 -21.03 8.49
C THR B 351 -6.61 -20.41 9.76
N PHE B 352 -7.40 -19.35 9.62
CA PHE B 352 -8.09 -18.75 10.76
C PHE B 352 -9.42 -19.44 11.07
N GLN B 353 -9.96 -20.19 10.12
CA GLN B 353 -11.35 -20.61 10.25
C GLN B 353 -11.58 -21.57 11.44
N GLN B 354 -10.56 -22.37 11.75
CA GLN B 354 -10.56 -23.23 12.94
C GLN B 354 -10.53 -22.46 14.27
N MET B 355 -10.31 -21.14 14.23
CA MET B 355 -9.99 -20.35 15.43
C MET B 355 -11.14 -19.53 15.98
N TRP B 356 -12.22 -19.39 15.21
CA TRP B 356 -13.41 -18.73 15.72
C TRP B 356 -13.91 -19.49 16.94
N ILE B 357 -14.51 -18.74 17.85
CA ILE B 357 -15.28 -19.30 18.95
C ILE B 357 -16.69 -19.50 18.41
N THR B 358 -17.19 -20.73 18.46
CA THR B 358 -18.52 -21.02 17.95
C THR B 358 -19.59 -20.79 19.01
N LYS B 359 -20.85 -20.80 18.59
CA LYS B 359 -22.01 -20.66 19.48
C LYS B 359 -22.11 -21.88 20.37
N GLN B 360 -21.64 -23.03 19.84
CA GLN B 360 -21.64 -24.27 20.60
C GLN B 360 -20.60 -24.26 21.71
N GLU B 361 -19.37 -23.83 21.38
CA GLU B 361 -18.29 -23.71 22.36
C GLU B 361 -18.64 -22.71 23.47
N TYR B 362 -19.33 -21.63 23.10
CA TYR B 362 -19.81 -20.62 24.06
C TYR B 362 -20.90 -21.21 24.98
N ASP B 363 -21.73 -22.11 24.45
CA ASP B 363 -22.79 -22.76 25.24
C ASP B 363 -22.31 -23.91 26.14
N GLU B 364 -21.07 -24.38 25.91
CA GLU B 364 -20.46 -25.46 26.68
C GLU B 364 -19.43 -24.95 27.72
N ALA B 365 -18.88 -23.76 27.51
CA ALA B 365 -17.88 -23.21 28.42
C ALA B 365 -18.41 -22.03 29.23
N GLY B 366 -18.90 -21.04 28.51
CA GLY B 366 -19.31 -19.76 29.09
C GLY B 366 -18.57 -18.65 28.33
N PRO B 367 -18.78 -17.39 28.72
CA PRO B 367 -17.99 -16.26 28.19
C PRO B 367 -16.46 -16.41 28.41
N SER B 368 -16.03 -17.19 29.41
CA SER B 368 -14.59 -17.39 29.67
C SER B 368 -13.80 -17.97 28.49
N ILE B 369 -14.47 -18.61 27.53
CA ILE B 369 -13.79 -19.19 26.36
C ILE B 369 -13.02 -18.16 25.51
N VAL B 370 -13.36 -16.88 25.62
CA VAL B 370 -12.69 -15.82 24.87
C VAL B 370 -11.22 -15.60 25.26
N HIS B 371 -10.89 -15.88 26.53
CA HIS B 371 -9.51 -15.75 27.01
C HIS B 371 -8.55 -16.80 26.41
N ARG B 372 -9.05 -18.03 26.22
CA ARG B 372 -8.23 -19.15 25.77
C ARG B 372 -8.14 -19.25 24.25
N LYS B 373 -9.24 -18.93 23.56
CA LYS B 373 -9.34 -19.13 22.11
C LYS B 373 -8.86 -17.92 21.27
N CYS B 374 -8.70 -16.77 21.94
CA CYS B 374 -8.20 -15.56 21.28
C CYS B 374 -6.76 -15.25 21.71
#